data_9JA7
# 
_entry.id   9JA7 
# 
_audit_conform.dict_name       mmcif_pdbx.dic 
_audit_conform.dict_version    5.404 
_audit_conform.dict_location   http://mmcif.pdb.org/dictionaries/ascii/mmcif_pdbx.dic 
# 
loop_
_database_2.database_id 
_database_2.database_code 
_database_2.pdbx_database_accession 
_database_2.pdbx_DOI 
PDB   9JA7         pdb_00009ja7 10.2210/pdb9ja7/pdb 
WWPDB D_1300050755 ?            ?                   
# 
_pdbx_audit_revision_history.ordinal             1 
_pdbx_audit_revision_history.data_content_type   'Structure model' 
_pdbx_audit_revision_history.major_revision      1 
_pdbx_audit_revision_history.minor_revision      0 
_pdbx_audit_revision_history.revision_date       2025-09-03 
_pdbx_audit_revision_history.part_number         ? 
# 
_pdbx_audit_revision_details.ordinal             1 
_pdbx_audit_revision_details.revision_ordinal    1 
_pdbx_audit_revision_details.data_content_type   'Structure model' 
_pdbx_audit_revision_details.provider            repository 
_pdbx_audit_revision_details.type                'Initial release' 
_pdbx_audit_revision_details.description         ? 
_pdbx_audit_revision_details.details             ? 
# 
_pdbx_database_status.status_code                     REL 
_pdbx_database_status.status_code_sf                  REL 
_pdbx_database_status.status_code_mr                  ? 
_pdbx_database_status.entry_id                        9JA7 
_pdbx_database_status.recvd_initial_deposition_date   2024-08-24 
_pdbx_database_status.SG_entry                        N 
_pdbx_database_status.deposit_site                    PDBJ 
_pdbx_database_status.process_site                    PDBJ 
_pdbx_database_status.status_code_cs                  ? 
_pdbx_database_status.status_code_nmr_data            ? 
_pdbx_database_status.methods_development_category    ? 
_pdbx_database_status.pdb_format_compatible           Y 
# 
_pdbx_contact_author.id                 2 
_pdbx_contact_author.email              j.kondo@sophia.ac.jp 
_pdbx_contact_author.name_first         Jiro 
_pdbx_contact_author.name_last          Kondo 
_pdbx_contact_author.name_mi            ? 
_pdbx_contact_author.role               'principal investigator/group leader' 
_pdbx_contact_author.identifier_ORCID   0000-0002-5682-3685 
# 
loop_
_audit_author.name 
_audit_author.pdbx_ordinal 
_audit_author.identifier_ORCID 
'Kondo, J.'  1 0000-0002-5682-3685 
'Ohtani, Y.' 2 ?                   
# 
_citation.abstract                  ? 
_citation.abstract_id_CAS           ? 
_citation.book_id_ISBN              ? 
_citation.book_publisher            ? 
_citation.book_publisher_city       ? 
_citation.book_title                ? 
_citation.coordinate_linkage        ? 
_citation.country                   ? 
_citation.database_id_Medline       ? 
_citation.details                   ? 
_citation.id                        primary 
_citation.journal_abbrev            'To Be Published' 
_citation.journal_id_ASTM           ? 
_citation.journal_id_CSD            0353 
_citation.journal_id_ISSN           ? 
_citation.journal_full              ? 
_citation.journal_issue             ? 
_citation.journal_volume            ? 
_citation.language                  ? 
_citation.page_first                ? 
_citation.page_last                 ? 
_citation.title                     'Crystal structure of theophylline aptamer obtained in the presence of caffeine' 
_citation.year                      ? 
_citation.database_id_CSD           ? 
_citation.pdbx_database_id_DOI      ? 
_citation.pdbx_database_id_PubMed   ? 
_citation.pdbx_database_id_patent   ? 
_citation.unpublished_flag          ? 
# 
loop_
_citation_author.citation_id 
_citation_author.name 
_citation_author.ordinal 
_citation_author.identifier_ORCID 
primary 'Kondo, J.'  1 0000-0002-5682-3685 
primary 'Ohtani, Y.' 2 ?                   
# 
loop_
_entity.id 
_entity.type 
_entity.src_method 
_entity.pdbx_description 
_entity.formula_weight 
_entity.pdbx_number_of_molecules 
_entity.pdbx_ec 
_entity.pdbx_mutation 
_entity.pdbx_fragment 
_entity.details 
1 polymer     syn 'Theophylline aptamer'  10637.426 1 ? ? ? ? 
2 non-polymer syn 'COBALT HEXAMMINE(III)' 161.116   6 ? ? ? ? 
3 non-polymer syn 'POTASSIUM ION'         39.098    1 ? ? ? ? 
4 water       nat water                   18.015    1 ? ? ? ? 
# 
_entity_poly.entity_id                      1 
_entity_poly.type                           polyribonucleotide 
_entity_poly.nstd_linkage                   no 
_entity_poly.nstd_monomer                   no 
_entity_poly.pdbx_seq_one_letter_code       GGCGAUACCAGCCGAAAGGCCCUUGGCAGCGCC 
_entity_poly.pdbx_seq_one_letter_code_can   GGCGAUACCAGCCGAAAGGCCCUUGGCAGCGCC 
_entity_poly.pdbx_strand_id                 A 
_entity_poly.pdbx_target_identifier         ? 
# 
loop_
_pdbx_entity_nonpoly.entity_id 
_pdbx_entity_nonpoly.name 
_pdbx_entity_nonpoly.comp_id 
2 'COBALT HEXAMMINE(III)' NCO 
3 'POTASSIUM ION'         K   
4 water                   HOH 
# 
loop_
_entity_poly_seq.entity_id 
_entity_poly_seq.num 
_entity_poly_seq.mon_id 
_entity_poly_seq.hetero 
1 1  G n 
1 2  G n 
1 3  C n 
1 4  G n 
1 5  A n 
1 6  U n 
1 7  A n 
1 8  C n 
1 9  C n 
1 10 A n 
1 11 G n 
1 12 C n 
1 13 C n 
1 14 G n 
1 15 A n 
1 16 A n 
1 17 A n 
1 18 G n 
1 19 G n 
1 20 C n 
1 21 C n 
1 22 C n 
1 23 U n 
1 24 U n 
1 25 G n 
1 26 G n 
1 27 C n 
1 28 A n 
1 29 G n 
1 30 C n 
1 31 G n 
1 32 C n 
1 33 C n 
# 
_pdbx_entity_src_syn.entity_id              1 
_pdbx_entity_src_syn.pdbx_src_id            1 
_pdbx_entity_src_syn.pdbx_alt_source_flag   sample 
_pdbx_entity_src_syn.pdbx_beg_seq_num       1 
_pdbx_entity_src_syn.pdbx_end_seq_num       33 
_pdbx_entity_src_syn.organism_scientific    'synthetic construct' 
_pdbx_entity_src_syn.organism_common_name   ? 
_pdbx_entity_src_syn.ncbi_taxonomy_id       32630 
_pdbx_entity_src_syn.details                ? 
# 
loop_
_chem_comp.id 
_chem_comp.type 
_chem_comp.mon_nstd_flag 
_chem_comp.name 
_chem_comp.pdbx_synonyms 
_chem_comp.formula 
_chem_comp.formula_weight 
A   'RNA linking' y "ADENOSINE-5'-MONOPHOSPHATE" ? 'C10 H14 N5 O7 P' 347.221 
C   'RNA linking' y "CYTIDINE-5'-MONOPHOSPHATE"  ? 'C9 H14 N3 O8 P'  323.197 
G   'RNA linking' y "GUANOSINE-5'-MONOPHOSPHATE" ? 'C10 H14 N5 O8 P' 363.221 
HOH non-polymer   . WATER                        ? 'H2 O'            18.015  
K   non-polymer   . 'POTASSIUM ION'              ? 'K 1'             39.098  
NCO non-polymer   . 'COBALT HEXAMMINE(III)'      ? 'Co H18 N6 3'     161.116 
U   'RNA linking' y "URIDINE-5'-MONOPHOSPHATE"   ? 'C9 H13 N2 O9 P'  324.181 
# 
loop_
_pdbx_poly_seq_scheme.asym_id 
_pdbx_poly_seq_scheme.entity_id 
_pdbx_poly_seq_scheme.seq_id 
_pdbx_poly_seq_scheme.mon_id 
_pdbx_poly_seq_scheme.ndb_seq_num 
_pdbx_poly_seq_scheme.pdb_seq_num 
_pdbx_poly_seq_scheme.auth_seq_num 
_pdbx_poly_seq_scheme.pdb_mon_id 
_pdbx_poly_seq_scheme.auth_mon_id 
_pdbx_poly_seq_scheme.pdb_strand_id 
_pdbx_poly_seq_scheme.pdb_ins_code 
_pdbx_poly_seq_scheme.hetero 
A 1 1  G 1  1  1  G G A . n 
A 1 2  G 2  2  2  G G A . n 
A 1 3  C 3  3  3  C C A . n 
A 1 4  G 4  4  4  G G A . n 
A 1 5  A 5  5  5  A A A . n 
A 1 6  U 6  6  6  U U A . n 
A 1 7  A 7  7  7  A A A . n 
A 1 8  C 8  8  8  C C A . n 
A 1 9  C 9  9  9  C C A . n 
A 1 10 A 10 10 10 A A A . n 
A 1 11 G 11 11 11 G G A . n 
A 1 12 C 12 12 12 C C A . n 
A 1 13 C 13 13 13 C C A . n 
A 1 14 G 14 14 14 G G A . n 
A 1 15 A 15 15 15 A A A . n 
A 1 16 A 16 16 16 A A A . n 
A 1 17 A 17 17 17 A A A . n 
A 1 18 G 18 18 18 G G A . n 
A 1 19 G 19 19 19 G G A . n 
A 1 20 C 20 20 20 C C A . n 
A 1 21 C 21 21 21 C C A . n 
A 1 22 C 22 22 22 C C A . n 
A 1 23 U 23 23 23 U U A . n 
A 1 24 U 24 24 24 U U A . n 
A 1 25 G 25 25 25 G G A . n 
A 1 26 G 26 26 26 G G A . n 
A 1 27 C 27 27 27 C C A . n 
A 1 28 A 28 28 28 A A A . n 
A 1 29 G 29 29 29 G G A . n 
A 1 30 C 30 30 30 C C A . n 
A 1 31 G 31 31 31 G G A . n 
A 1 32 C 32 32 32 C C A . n 
A 1 33 C 33 33 33 C C A . n 
# 
loop_
_pdbx_nonpoly_scheme.asym_id 
_pdbx_nonpoly_scheme.entity_id 
_pdbx_nonpoly_scheme.mon_id 
_pdbx_nonpoly_scheme.ndb_seq_num 
_pdbx_nonpoly_scheme.pdb_seq_num 
_pdbx_nonpoly_scheme.auth_seq_num 
_pdbx_nonpoly_scheme.pdb_mon_id 
_pdbx_nonpoly_scheme.auth_mon_id 
_pdbx_nonpoly_scheme.pdb_strand_id 
_pdbx_nonpoly_scheme.pdb_ins_code 
B 2 NCO 1 101 101 NCO NCO A . 
C 2 NCO 1 102 102 NCO NCO A . 
D 2 NCO 1 103 103 NCO NCO A . 
E 2 NCO 1 104 104 NCO NCO A . 
F 2 NCO 1 105 105 NCO NCO A . 
G 2 NCO 1 106 106 NCO NCO A . 
H 3 K   1 107 1   K   K   A . 
I 4 HOH 1 201 7   HOH HOH A . 
# 
loop_
_software.citation_id 
_software.classification 
_software.compiler_name 
_software.compiler_version 
_software.contact_author 
_software.contact_author_email 
_software.date 
_software.description 
_software.dependencies 
_software.hardware 
_software.language 
_software.location 
_software.mods 
_software.name 
_software.os 
_software.os_version 
_software.type 
_software.version 
_software.pdbx_ordinal 
? refinement       ? ? ? ? ? ? ? ? ? ? ? PHENIX  ? ? ? '(1.20.1_4487)' 1 
? 'data scaling'   ? ? ? ? ? ? ? ? ? ? ? XSCALE  ? ? ? .               2 
? 'data reduction' ? ? ? ? ? ? ? ? ? ? ? XDS     ? ? ? .               3 
? phasing          ? ? ? ? ? ? ? ? ? ? ? AutoSol ? ? ? .               4 
# 
_cell.angle_alpha                  90.00 
_cell.angle_alpha_esd              ? 
_cell.angle_beta                   90.00 
_cell.angle_beta_esd               ? 
_cell.angle_gamma                  120.00 
_cell.angle_gamma_esd              ? 
_cell.entry_id                     9JA7 
_cell.details                      ? 
_cell.formula_units_Z              ? 
_cell.length_a                     46.925 
_cell.length_a_esd                 ? 
_cell.length_b                     46.925 
_cell.length_b_esd                 ? 
_cell.length_c                     180.258 
_cell.length_c_esd                 ? 
_cell.volume                       ? 
_cell.volume_esd                   ? 
_cell.Z_PDB                        12 
_cell.reciprocal_angle_alpha       ? 
_cell.reciprocal_angle_beta        ? 
_cell.reciprocal_angle_gamma       ? 
_cell.reciprocal_angle_alpha_esd   ? 
_cell.reciprocal_angle_beta_esd    ? 
_cell.reciprocal_angle_gamma_esd   ? 
_cell.reciprocal_length_a          ? 
_cell.reciprocal_length_b          ? 
_cell.reciprocal_length_c          ? 
_cell.reciprocal_length_a_esd      ? 
_cell.reciprocal_length_b_esd      ? 
_cell.reciprocal_length_c_esd      ? 
_cell.pdbx_unique_axis             ? 
_cell.pdbx_esd_method              ? 
# 
_symmetry.entry_id                         9JA7 
_symmetry.cell_setting                     ? 
_symmetry.Int_Tables_number                178 
_symmetry.space_group_name_Hall            ? 
_symmetry.space_group_name_H-M             'P 61 2 2' 
_symmetry.pdbx_full_space_group_name_H-M   ? 
# 
_exptl.absorpt_coefficient_mu     ? 
_exptl.absorpt_correction_T_max   ? 
_exptl.absorpt_correction_T_min   ? 
_exptl.absorpt_correction_type    ? 
_exptl.absorpt_process_details    ? 
_exptl.entry_id                   9JA7 
_exptl.crystals_number            1 
_exptl.details                    ? 
_exptl.method                     'X-RAY DIFFRACTION' 
_exptl.method_details             ? 
# 
_exptl_crystal.colour                       ? 
_exptl_crystal.density_diffrn               ? 
_exptl_crystal.density_Matthews             2.69 
_exptl_crystal.density_method               ? 
_exptl_crystal.density_percent_sol          54.32 
_exptl_crystal.description                  ? 
_exptl_crystal.F_000                        ? 
_exptl_crystal.id                           1 
_exptl_crystal.preparation                  ? 
_exptl_crystal.size_max                     ? 
_exptl_crystal.size_mid                     ? 
_exptl_crystal.size_min                     ? 
_exptl_crystal.size_rad                     ? 
_exptl_crystal.colour_lustre                ? 
_exptl_crystal.colour_modifier              ? 
_exptl_crystal.colour_primary               ? 
_exptl_crystal.density_meas                 ? 
_exptl_crystal.density_meas_esd             ? 
_exptl_crystal.density_meas_gt              ? 
_exptl_crystal.density_meas_lt              ? 
_exptl_crystal.density_meas_temp            ? 
_exptl_crystal.density_meas_temp_esd        ? 
_exptl_crystal.density_meas_temp_gt         ? 
_exptl_crystal.density_meas_temp_lt         ? 
_exptl_crystal.pdbx_crystal_image_url       ? 
_exptl_crystal.pdbx_crystal_image_format    ? 
_exptl_crystal.pdbx_mosaicity               ? 
_exptl_crystal.pdbx_mosaicity_esd           ? 
_exptl_crystal.pdbx_mosaic_method           ? 
_exptl_crystal.pdbx_mosaic_block_size       ? 
_exptl_crystal.pdbx_mosaic_block_size_esd   ? 
# 
_exptl_crystal_grow.apparatus       ? 
_exptl_crystal_grow.atmosphere      ? 
_exptl_crystal_grow.crystal_id      1 
_exptl_crystal_grow.details         ? 
_exptl_crystal_grow.method          'VAPOR DIFFUSION, SITTING DROP' 
_exptl_crystal_grow.method_ref      ? 
_exptl_crystal_grow.pH              ? 
_exptl_crystal_grow.pressure        ? 
_exptl_crystal_grow.pressure_esd    ? 
_exptl_crystal_grow.seeding         ? 
_exptl_crystal_grow.seeding_ref     ? 
_exptl_crystal_grow.temp_details    ? 
_exptl_crystal_grow.temp_esd        ? 
_exptl_crystal_grow.time            ? 
_exptl_crystal_grow.pdbx_details    'MOPS (pH7), Hexammine cobalt chloride, Potassium chloride, MPD' 
_exptl_crystal_grow.pdbx_pH_range   ? 
_exptl_crystal_grow.temp            293 
# 
_diffrn.ambient_environment              ? 
_diffrn.ambient_temp                     100 
_diffrn.ambient_temp_details             ? 
_diffrn.ambient_temp_esd                 ? 
_diffrn.crystal_id                       1 
_diffrn.crystal_support                  ? 
_diffrn.crystal_treatment                ? 
_diffrn.details                          ? 
_diffrn.id                               1 
_diffrn.ambient_pressure                 ? 
_diffrn.ambient_pressure_esd             ? 
_diffrn.ambient_pressure_gt              ? 
_diffrn.ambient_pressure_lt              ? 
_diffrn.ambient_temp_gt                  ? 
_diffrn.ambient_temp_lt                  ? 
_diffrn.pdbx_serial_crystal_experiment   N 
# 
_diffrn_detector.details                      ? 
_diffrn_detector.detector                     PIXEL 
_diffrn_detector.diffrn_id                    1 
_diffrn_detector.type                         'DECTRIS EIGER X 16M' 
_diffrn_detector.area_resol_mean              ? 
_diffrn_detector.dtime                        ? 
_diffrn_detector.pdbx_frames_total            ? 
_diffrn_detector.pdbx_collection_time_total   ? 
_diffrn_detector.pdbx_collection_date         2024-03-24 
_diffrn_detector.pdbx_frequency               ? 
_diffrn_detector.id                           ? 
_diffrn_detector.number_of_axes               ? 
# 
_diffrn_radiation.collimation                      ? 
_diffrn_radiation.diffrn_id                        1 
_diffrn_radiation.filter_edge                      ? 
_diffrn_radiation.inhomogeneity                    ? 
_diffrn_radiation.monochromator                    ? 
_diffrn_radiation.polarisn_norm                    ? 
_diffrn_radiation.polarisn_ratio                   ? 
_diffrn_radiation.probe                            ? 
_diffrn_radiation.type                             ? 
_diffrn_radiation.xray_symbol                      ? 
_diffrn_radiation.wavelength_id                    1 
_diffrn_radiation.pdbx_monochromatic_or_laue_m_l   M 
_diffrn_radiation.pdbx_wavelength_list             ? 
_diffrn_radiation.pdbx_wavelength                  ? 
_diffrn_radiation.pdbx_diffrn_protocol             'SINGLE WAVELENGTH' 
_diffrn_radiation.pdbx_analyzer                    ? 
_diffrn_radiation.pdbx_scattering_type             x-ray 
# 
_diffrn_radiation_wavelength.id           1 
_diffrn_radiation_wavelength.wavelength   1.605 
_diffrn_radiation_wavelength.wt           1.0 
# 
_diffrn_source.current                     ? 
_diffrn_source.details                     ? 
_diffrn_source.diffrn_id                   1 
_diffrn_source.power                       ? 
_diffrn_source.size                        ? 
_diffrn_source.source                      SYNCHROTRON 
_diffrn_source.target                      ? 
_diffrn_source.type                        'PHOTON FACTORY BEAMLINE BL-17A' 
_diffrn_source.voltage                     ? 
_diffrn_source.take-off_angle              ? 
_diffrn_source.pdbx_wavelength_list        1.605 
_diffrn_source.pdbx_wavelength             ? 
_diffrn_source.pdbx_synchrotron_beamline   BL-17A 
_diffrn_source.pdbx_synchrotron_site       'Photon Factory' 
# 
_reflns.B_iso_Wilson_estimate                          ? 
_reflns.entry_id                                       9JA7 
_reflns.data_reduction_details                         ? 
_reflns.data_reduction_method                          ? 
_reflns.d_resolution_high                              2.59 
_reflns.d_resolution_low                               33.66 
_reflns.details                                        ? 
_reflns.limit_h_max                                    ? 
_reflns.limit_h_min                                    ? 
_reflns.limit_k_max                                    ? 
_reflns.limit_k_min                                    ? 
_reflns.limit_l_max                                    ? 
_reflns.limit_l_min                                    ? 
_reflns.number_all                                     ? 
_reflns.number_obs                                     6866 
_reflns.observed_criterion                             ? 
_reflns.observed_criterion_F_max                       ? 
_reflns.observed_criterion_F_min                       ? 
_reflns.observed_criterion_I_max                       ? 
_reflns.observed_criterion_I_min                       ? 
_reflns.observed_criterion_sigma_F                     ? 
_reflns.observed_criterion_sigma_I                     ? 
_reflns.percent_possible_obs                           99.7 
_reflns.R_free_details                                 ? 
_reflns.Rmerge_F_all                                   ? 
_reflns.Rmerge_F_obs                                   ? 
_reflns.Friedel_coverage                               ? 
_reflns.number_gt                                      ? 
_reflns.threshold_expression                           ? 
_reflns.pdbx_redundancy                                5.00 
_reflns.pdbx_netI_over_av_sigmaI                       ? 
_reflns.pdbx_netI_over_sigmaI                          16.42 
_reflns.pdbx_res_netI_over_av_sigmaI_2                 ? 
_reflns.pdbx_res_netI_over_sigmaI_2                    ? 
_reflns.pdbx_chi_squared                               ? 
_reflns.pdbx_scaling_rejects                           ? 
_reflns.pdbx_d_res_high_opt                            ? 
_reflns.pdbx_d_res_low_opt                             ? 
_reflns.pdbx_d_res_opt_method                          ? 
_reflns.phase_calculation_details                      ? 
_reflns.pdbx_Rrim_I_all                                0.059 
_reflns.pdbx_Rpim_I_all                                ? 
_reflns.pdbx_d_opt                                     ? 
_reflns.pdbx_number_measured_all                       ? 
_reflns.pdbx_diffrn_id                                 1 
_reflns.pdbx_ordinal                                   1 
_reflns.pdbx_CC_half                                   0.998 
_reflns.pdbx_CC_star                                   ? 
_reflns.pdbx_R_split                                   ? 
_reflns.pdbx_Rmerge_I_obs                              0.053 
_reflns.pdbx_Rmerge_I_all                              ? 
_reflns.pdbx_Rsym_value                                ? 
_reflns.pdbx_CC_split_method                           ? 
_reflns.pdbx_aniso_diffraction_limit_axis_1_ortho[1]   ? 
_reflns.pdbx_aniso_diffraction_limit_axis_1_ortho[2]   ? 
_reflns.pdbx_aniso_diffraction_limit_axis_1_ortho[3]   ? 
_reflns.pdbx_aniso_diffraction_limit_axis_2_ortho[1]   ? 
_reflns.pdbx_aniso_diffraction_limit_axis_2_ortho[2]   ? 
_reflns.pdbx_aniso_diffraction_limit_axis_2_ortho[3]   ? 
_reflns.pdbx_aniso_diffraction_limit_axis_3_ortho[1]   ? 
_reflns.pdbx_aniso_diffraction_limit_axis_3_ortho[2]   ? 
_reflns.pdbx_aniso_diffraction_limit_axis_3_ortho[3]   ? 
_reflns.pdbx_aniso_diffraction_limit_1                 ? 
_reflns.pdbx_aniso_diffraction_limit_2                 ? 
_reflns.pdbx_aniso_diffraction_limit_3                 ? 
_reflns.pdbx_aniso_B_tensor_eigenvector_1_ortho[1]     ? 
_reflns.pdbx_aniso_B_tensor_eigenvector_1_ortho[2]     ? 
_reflns.pdbx_aniso_B_tensor_eigenvector_1_ortho[3]     ? 
_reflns.pdbx_aniso_B_tensor_eigenvector_2_ortho[1]     ? 
_reflns.pdbx_aniso_B_tensor_eigenvector_2_ortho[2]     ? 
_reflns.pdbx_aniso_B_tensor_eigenvector_2_ortho[3]     ? 
_reflns.pdbx_aniso_B_tensor_eigenvector_3_ortho[1]     ? 
_reflns.pdbx_aniso_B_tensor_eigenvector_3_ortho[2]     ? 
_reflns.pdbx_aniso_B_tensor_eigenvector_3_ortho[3]     ? 
_reflns.pdbx_aniso_B_tensor_eigenvalue_1               ? 
_reflns.pdbx_aniso_B_tensor_eigenvalue_2               ? 
_reflns.pdbx_aniso_B_tensor_eigenvalue_3               ? 
_reflns.pdbx_orthogonalization_convention              ? 
_reflns.pdbx_percent_possible_ellipsoidal              ? 
_reflns.pdbx_percent_possible_spherical                ? 
_reflns.pdbx_percent_possible_ellipsoidal_anomalous    ? 
_reflns.pdbx_percent_possible_spherical_anomalous      ? 
_reflns.pdbx_redundancy_anomalous                      ? 
_reflns.pdbx_CC_half_anomalous                         ? 
_reflns.pdbx_absDiff_over_sigma_anomalous              ? 
_reflns.pdbx_percent_possible_anomalous                ? 
_reflns.pdbx_observed_signal_threshold                 ? 
_reflns.pdbx_signal_type                               ? 
_reflns.pdbx_signal_details                            ? 
_reflns.pdbx_signal_software_id                        ? 
# 
loop_
_reflns_shell.d_res_high 
_reflns_shell.d_res_low 
_reflns_shell.meanI_over_sigI_all 
_reflns_shell.meanI_over_sigI_obs 
_reflns_shell.number_measured_all 
_reflns_shell.number_measured_obs 
_reflns_shell.number_possible 
_reflns_shell.number_unique_all 
_reflns_shell.number_unique_obs 
_reflns_shell.percent_possible_obs 
_reflns_shell.Rmerge_F_all 
_reflns_shell.Rmerge_F_obs 
_reflns_shell.meanI_over_sigI_gt 
_reflns_shell.meanI_over_uI_all 
_reflns_shell.meanI_over_uI_gt 
_reflns_shell.number_measured_gt 
_reflns_shell.number_unique_gt 
_reflns_shell.percent_possible_gt 
_reflns_shell.Rmerge_F_gt 
_reflns_shell.Rmerge_I_gt 
_reflns_shell.pdbx_redundancy 
_reflns_shell.pdbx_chi_squared 
_reflns_shell.pdbx_netI_over_sigmaI_all 
_reflns_shell.pdbx_netI_over_sigmaI_obs 
_reflns_shell.pdbx_Rrim_I_all 
_reflns_shell.pdbx_Rpim_I_all 
_reflns_shell.pdbx_rejects 
_reflns_shell.pdbx_ordinal 
_reflns_shell.pdbx_diffrn_id 
_reflns_shell.pdbx_CC_half 
_reflns_shell.pdbx_CC_star 
_reflns_shell.pdbx_R_split 
_reflns_shell.percent_possible_all 
_reflns_shell.Rmerge_I_all 
_reflns_shell.Rmerge_I_obs 
_reflns_shell.pdbx_Rsym_value 
_reflns_shell.pdbx_percent_possible_ellipsoidal 
_reflns_shell.pdbx_percent_possible_spherical 
_reflns_shell.pdbx_percent_possible_ellipsoidal_anomalous 
_reflns_shell.pdbx_percent_possible_spherical_anomalous 
_reflns_shell.pdbx_redundancy_anomalous 
_reflns_shell.pdbx_CC_half_anomalous 
_reflns_shell.pdbx_absDiff_over_sigma_anomalous 
_reflns_shell.pdbx_percent_possible_anomalous 
2.59  2.66  ? ? ? ? ? ? 485 ? ? ? ? ? ? ? ? ? ? ? ? ? ? ? 0.377 ? ? 1  1 0.951 ? ? ? ? 0.337 ? ? ? ? ? ? ? ? ? 
2.66  2.73  ? ? ? ? ? ? 506 ? ? ? ? ? ? ? ? ? ? ? ? ? ? ? 0.305 ? ? 2  1 0.981 ? ? ? ? 0.273 ? ? ? ? ? ? ? ? ? 
2.73  2.81  ? ? ? ? ? ? 485 ? ? ? ? ? ? ? ? ? ? ? ? ? ? ? 0.236 ? ? 3  1 0.993 ? ? ? ? 0.211 ? ? ? ? ? ? ? ? ? 
2.81  2.9   ? ? ? ? ? ? 465 ? ? ? ? ? ? ? ? ? ? ? ? ? ? ? 0.145 ? ? 4  1 0.998 ? ? ? ? 0.13  ? ? ? ? ? ? ? ? ? 
2.90  2.99  ? ? ? ? ? ? 454 ? ? ? ? ? ? ? ? ? ? ? ? ? ? ? 0.104 ? ? 5  1 0.997 ? ? ? ? 0.092 ? ? ? ? ? ? ? ? ? 
2.99  3.1   ? ? ? ? ? ? 450 ? ? ? ? ? ? ? ? ? ? ? ? ? ? ? 0.07  ? ? 6  1 0.999 ? ? ? ? 0.063 ? ? ? ? ? ? ? ? ? 
3.10  3.22  ? ? ? ? ? ? 409 ? ? ? ? ? ? ? ? ? ? ? ? ? ? ? 0.058 ? ? 7  1 0.999 ? ? ? ? 0.052 ? ? ? ? ? ? ? ? ? 
3.22  3.35  ? ? ? ? ? ? 425 ? ? ? ? ? ? ? ? ? ? ? ? ? ? ? 0.058 ? ? 8  1 0.999 ? ? ? ? 0.053 ? ? ? ? ? ? ? ? ? 
3.35  3.5   ? ? ? ? ? ? 371 ? ? ? ? ? ? ? ? ? ? ? ? ? ? ? 0.056 ? ? 9  1 0.999 ? ? ? ? 0.051 ? ? ? ? ? ? ? ? ? 
3.50  3.67  ? ? ? ? ? ? 382 ? ? ? ? ? ? ? ? ? ? ? ? ? ? ? 0.062 ? ? 10 1 0.999 ? ? ? ? 0.056 ? ? ? ? ? ? ? ? ? 
3.67  3.87  ? ? ? ? ? ? 363 ? ? ? ? ? ? ? ? ? ? ? ? ? ? ? 0.048 ? ? 11 1 0.999 ? ? ? ? 0.044 ? ? ? ? ? ? ? ? ? 
3.87  4.1   ? ? ? ? ? ? 328 ? ? ? ? ? ? ? ? ? ? ? ? ? ? ? 0.054 ? ? 12 1 0.998 ? ? ? ? 0.049 ? ? ? ? ? ? ? ? ? 
4.10  4.38  ? ? ? ? ? ? 318 ? ? ? ? ? ? ? ? ? ? ? ? ? ? ? 0.054 ? ? 13 1 0.998 ? ? ? ? 0.049 ? ? ? ? ? ? ? ? ? 
4.38  4.73  ? ? ? ? ? ? 302 ? ? ? ? ? ? ? ? ? ? ? ? ? ? ? 0.057 ? ? 14 1 0.995 ? ? ? ? 0.051 ? ? ? ? ? ? ? ? ? 
4.73  5.19  ? ? ? ? ? ? 273 ? ? ? ? ? ? ? ? ? ? ? ? ? ? ? 0.056 ? ? 15 1 0.997 ? ? ? ? 0.051 ? ? ? ? ? ? ? ? ? 
5.19  5.8   ? ? ? ? ? ? 242 ? ? ? ? ? ? ? ? ? ? ? ? ? ? ? 0.057 ? ? 16 1 0.997 ? ? ? ? 0.051 ? ? ? ? ? ? ? ? ? 
5.80  6.7   ? ? ? ? ? ? 217 ? ? ? ? ? ? ? ? ? ? ? ? ? ? ? 0.049 ? ? 17 1 0.997 ? ? ? ? 0.044 ? ? ? ? ? ? ? ? ? 
6.70  8.2   ? ? ? ? ? ? 178 ? ? ? ? ? ? ? ? ? ? ? ? ? ? ? 0.057 ? ? 18 1 0.994 ? ? ? ? 0.051 ? ? ? ? ? ? ? ? ? 
8.20  11.6  ? ? ? ? ? ? 143 ? ? ? ? ? ? ? ? ? ? ? ? ? ? ? 0.05  ? ? 19 1 0.998 ? ? ? ? 0.045 ? ? ? ? ? ? ? ? ? 
11.60 33.66 ? ? ? ? ? ? 70  ? ? ? ? ? ? ? ? ? ? ? ? ? ? ? 0.042 ? ? 20 1 0.997 ? ? ? ? 0.037 ? ? ? ? ? ? ? ? ? 
# 
_refine.aniso_B[1][1]                            ? 
_refine.aniso_B[1][2]                            ? 
_refine.aniso_B[1][3]                            ? 
_refine.aniso_B[2][2]                            ? 
_refine.aniso_B[2][3]                            ? 
_refine.aniso_B[3][3]                            ? 
_refine.B_iso_max                                ? 
_refine.B_iso_mean                               ? 
_refine.B_iso_min                                ? 
_refine.correlation_coeff_Fo_to_Fc               ? 
_refine.correlation_coeff_Fo_to_Fc_free          ? 
_refine.details                                  ? 
_refine.diff_density_max                         ? 
_refine.diff_density_max_esd                     ? 
_refine.diff_density_min                         ? 
_refine.diff_density_min_esd                     ? 
_refine.diff_density_rms                         ? 
_refine.diff_density_rms_esd                     ? 
_refine.entry_id                                 9JA7 
_refine.pdbx_refine_id                           'X-RAY DIFFRACTION' 
_refine.ls_abs_structure_details                 ? 
_refine.ls_abs_structure_Flack                   ? 
_refine.ls_abs_structure_Flack_esd               ? 
_refine.ls_abs_structure_Rogers                  ? 
_refine.ls_abs_structure_Rogers_esd              ? 
_refine.ls_d_res_high                            2.59 
_refine.ls_d_res_low                             33.66 
_refine.ls_extinction_coef                       ? 
_refine.ls_extinction_coef_esd                   ? 
_refine.ls_extinction_expression                 ? 
_refine.ls_extinction_method                     ? 
_refine.ls_goodness_of_fit_all                   ? 
_refine.ls_goodness_of_fit_all_esd               ? 
_refine.ls_goodness_of_fit_obs                   ? 
_refine.ls_goodness_of_fit_obs_esd               ? 
_refine.ls_hydrogen_treatment                    ? 
_refine.ls_matrix_type                           ? 
_refine.ls_number_constraints                    ? 
_refine.ls_number_parameters                     ? 
_refine.ls_number_reflns_all                     ? 
_refine.ls_number_reflns_obs                     6785 
_refine.ls_number_reflns_R_free                  677 
_refine.ls_number_reflns_R_work                  ? 
_refine.ls_number_restraints                     ? 
_refine.ls_percent_reflns_obs                    98.36 
_refine.ls_percent_reflns_R_free                 9.98 
_refine.ls_R_factor_all                          ? 
_refine.ls_R_factor_obs                          0.2114 
_refine.ls_R_factor_R_free                       0.2603 
_refine.ls_R_factor_R_free_error                 ? 
_refine.ls_R_factor_R_free_error_details         ? 
_refine.ls_R_factor_R_work                       0.2060 
_refine.ls_R_Fsqd_factor_obs                     ? 
_refine.ls_R_I_factor_obs                        ? 
_refine.ls_redundancy_reflns_all                 ? 
_refine.ls_redundancy_reflns_obs                 ? 
_refine.ls_restrained_S_all                      ? 
_refine.ls_restrained_S_obs                      ? 
_refine.ls_shift_over_esd_max                    ? 
_refine.ls_shift_over_esd_mean                   ? 
_refine.ls_structure_factor_coef                 ? 
_refine.ls_weighting_details                     ? 
_refine.ls_weighting_scheme                      ? 
_refine.ls_wR_factor_all                         ? 
_refine.ls_wR_factor_obs                         ? 
_refine.ls_wR_factor_R_free                      ? 
_refine.ls_wR_factor_R_work                      ? 
_refine.occupancy_max                            ? 
_refine.occupancy_min                            ? 
_refine.solvent_model_details                    'FLAT BULK SOLVENT MODEL' 
_refine.solvent_model_param_bsol                 ? 
_refine.solvent_model_param_ksol                 ? 
_refine.pdbx_R_complete                          ? 
_refine.ls_R_factor_gt                           ? 
_refine.ls_goodness_of_fit_gt                    ? 
_refine.ls_goodness_of_fit_ref                   ? 
_refine.ls_shift_over_su_max                     ? 
_refine.ls_shift_over_su_max_lt                  ? 
_refine.ls_shift_over_su_mean                    ? 
_refine.ls_shift_over_su_mean_lt                 ? 
_refine.pdbx_ls_sigma_I                          ? 
_refine.pdbx_ls_sigma_F                          2.01 
_refine.pdbx_ls_sigma_Fsqd                       ? 
_refine.pdbx_data_cutoff_high_absF               ? 
_refine.pdbx_data_cutoff_high_rms_absF           ? 
_refine.pdbx_data_cutoff_low_absF                ? 
_refine.pdbx_isotropic_thermal_model             ? 
_refine.pdbx_ls_cross_valid_method               'FREE R-VALUE' 
_refine.pdbx_method_to_determine_struct          SAD 
_refine.pdbx_starting_model                      ? 
_refine.pdbx_stereochemistry_target_values       ML 
_refine.pdbx_R_Free_selection_details            ? 
_refine.pdbx_stereochem_target_val_spec_case     ? 
_refine.pdbx_overall_ESU_R                       ? 
_refine.pdbx_overall_ESU_R_Free                  ? 
_refine.pdbx_solvent_vdw_probe_radii             1.10 
_refine.pdbx_solvent_ion_probe_radii             ? 
_refine.pdbx_solvent_shrinkage_radii             0.90 
_refine.pdbx_real_space_R                        ? 
_refine.pdbx_density_correlation                 ? 
_refine.pdbx_pd_number_of_powder_patterns        ? 
_refine.pdbx_pd_number_of_points                 ? 
_refine.pdbx_pd_meas_number_of_points            ? 
_refine.pdbx_pd_proc_ls_prof_R_factor            ? 
_refine.pdbx_pd_proc_ls_prof_wR_factor           ? 
_refine.pdbx_pd_Marquardt_correlation_coeff      ? 
_refine.pdbx_pd_Fsqrd_R_factor                   ? 
_refine.pdbx_pd_ls_matrix_band_width             ? 
_refine.pdbx_overall_phase_error                 34.03 
_refine.pdbx_overall_SU_R_free_Cruickshank_DPI   ? 
_refine.pdbx_overall_SU_R_free_Blow_DPI          ? 
_refine.pdbx_overall_SU_R_Blow_DPI               ? 
_refine.pdbx_TLS_residual_ADP_flag               ? 
_refine.pdbx_diffrn_id                           1 
_refine.overall_SU_B                             ? 
_refine.overall_SU_ML                            0.44 
_refine.overall_SU_R_Cruickshank_DPI             ? 
_refine.overall_SU_R_free                        ? 
_refine.overall_FOM_free_R_set                   ? 
_refine.overall_FOM_work_R_set                   ? 
_refine.pdbx_average_fsc_overall                 ? 
_refine.pdbx_average_fsc_work                    ? 
_refine.pdbx_average_fsc_free                    ? 
# 
_refine_hist.pdbx_refine_id                   'X-RAY DIFFRACTION' 
_refine_hist.cycle_id                         LAST 
_refine_hist.pdbx_number_atoms_protein        0 
_refine_hist.pdbx_number_atoms_nucleic_acid   704 
_refine_hist.pdbx_number_atoms_ligand         43 
_refine_hist.number_atoms_solvent             1 
_refine_hist.number_atoms_total               748 
_refine_hist.d_res_high                       2.59 
_refine_hist.d_res_low                        33.66 
# 
loop_
_refine_ls_restr.pdbx_refine_id 
_refine_ls_restr.criterion 
_refine_ls_restr.dev_ideal 
_refine_ls_restr.dev_ideal_target 
_refine_ls_restr.number 
_refine_ls_restr.rejects 
_refine_ls_restr.type 
_refine_ls_restr.weight 
_refine_ls_restr.pdbx_restraint_function 
'X-RAY DIFFRACTION' ? 0.005  ? ?   ? f_bond_d           ? ? 
'X-RAY DIFFRACTION' ? 1.013  ? ?   ? f_angle_d          ? ? 
'X-RAY DIFFRACTION' ? 11.738 ? 392 ? f_dihedral_angle_d ? ? 
'X-RAY DIFFRACTION' ? 0.045  ? 164 ? f_chiral_restr     ? ? 
'X-RAY DIFFRACTION' ? 0.007  ? 33  ? f_plane_restr      ? ? 
# 
loop_
_refine_ls_shell.pdbx_refine_id 
_refine_ls_shell.d_res_high 
_refine_ls_shell.d_res_low 
_refine_ls_shell.number_reflns_all 
_refine_ls_shell.number_reflns_obs 
_refine_ls_shell.number_reflns_R_free 
_refine_ls_shell.number_reflns_R_work 
_refine_ls_shell.percent_reflns_obs 
_refine_ls_shell.percent_reflns_R_free 
_refine_ls_shell.R_factor_all 
_refine_ls_shell.R_factor_obs 
_refine_ls_shell.R_factor_R_free_error 
_refine_ls_shell.R_factor_R_work 
_refine_ls_shell.redundancy_reflns_all 
_refine_ls_shell.redundancy_reflns_obs 
_refine_ls_shell.wR_factor_all 
_refine_ls_shell.wR_factor_obs 
_refine_ls_shell.wR_factor_R_free 
_refine_ls_shell.wR_factor_R_work 
_refine_ls_shell.pdbx_R_complete 
_refine_ls_shell.pdbx_total_number_of_bins_used 
_refine_ls_shell.pdbx_phase_error 
_refine_ls_shell.pdbx_fsc_work 
_refine_ls_shell.pdbx_fsc_free 
_refine_ls_shell.R_factor_R_free 
'X-RAY DIFFRACTION' 2.59 2.79  . . 133 1217 98.00  . . . . 0.3654 . . . . . . . . . . . 0.4465 
'X-RAY DIFFRACTION' 2.79 3.07  . . 131 1215 98.00  . . . . 0.3102 . . . . . . . . . . . 0.3578 
'X-RAY DIFFRACTION' 3.07 3.52  . . 143 1191 97.00  . . . . 0.2529 . . . . . . . . . . . 0.2893 
'X-RAY DIFFRACTION' 3.52 4.43  . . 130 1244 100.00 . . . . 0.1880 . . . . . . . . . . . 0.2460 
'X-RAY DIFFRACTION' 4.43 33.66 . . 140 1241 100.00 . . . . 0.1527 . . . . . . . . . . . 0.2080 
# 
_struct.entry_id                     9JA7 
_struct.title                        'Crystal structure of theophylline aptamer obtained in the presence of caffeine' 
_struct.pdbx_model_details           ? 
_struct.pdbx_formula_weight          ? 
_struct.pdbx_formula_weight_method   ? 
_struct.pdbx_model_type_details      ? 
_struct.pdbx_CASP_flag               N 
# 
_struct_keywords.entry_id        9JA7 
_struct_keywords.text            'theophylline aptamer, caffeine, RNA' 
_struct_keywords.pdbx_keywords   RNA 
# 
loop_
_struct_asym.id 
_struct_asym.pdbx_blank_PDB_chainid_flag 
_struct_asym.pdbx_modified 
_struct_asym.entity_id 
_struct_asym.details 
A N N 1 ? 
B N N 2 ? 
C N N 2 ? 
D N N 2 ? 
E N N 2 ? 
F N N 2 ? 
G N N 2 ? 
H N N 3 ? 
I N N 4 ? 
# 
_struct_ref.id                         1 
_struct_ref.db_name                    PDB 
_struct_ref.db_code                    9JA7 
_struct_ref.pdbx_db_accession          9JA7 
_struct_ref.pdbx_db_isoform            ? 
_struct_ref.entity_id                  1 
_struct_ref.pdbx_seq_one_letter_code   ? 
_struct_ref.pdbx_align_begin           1 
# 
_struct_ref_seq.align_id                      1 
_struct_ref_seq.ref_id                        1 
_struct_ref_seq.pdbx_PDB_id_code              9JA7 
_struct_ref_seq.pdbx_strand_id                A 
_struct_ref_seq.seq_align_beg                 1 
_struct_ref_seq.pdbx_seq_align_beg_ins_code   ? 
_struct_ref_seq.seq_align_end                 33 
_struct_ref_seq.pdbx_seq_align_end_ins_code   ? 
_struct_ref_seq.pdbx_db_accession             9JA7 
_struct_ref_seq.db_align_beg                  1 
_struct_ref_seq.pdbx_db_align_beg_ins_code    ? 
_struct_ref_seq.db_align_end                  33 
_struct_ref_seq.pdbx_db_align_end_ins_code    ? 
_struct_ref_seq.pdbx_auth_seq_align_beg       1 
_struct_ref_seq.pdbx_auth_seq_align_end       33 
# 
_pdbx_struct_assembly.id                   1 
_pdbx_struct_assembly.details              author_and_software_defined_assembly 
_pdbx_struct_assembly.method_details       PISA 
_pdbx_struct_assembly.oligomeric_details   monomeric 
_pdbx_struct_assembly.oligomeric_count     1 
# 
loop_
_pdbx_struct_assembly_prop.biol_id 
_pdbx_struct_assembly_prop.type 
_pdbx_struct_assembly_prop.value 
_pdbx_struct_assembly_prop.details 
1 'ABSA (A^2)' 260  ? 
1 MORE         -3   ? 
1 'SSA (A^2)'  5860 ? 
# 
_pdbx_struct_assembly_gen.assembly_id       1 
_pdbx_struct_assembly_gen.oper_expression   1 
_pdbx_struct_assembly_gen.asym_id_list      A,B,C,D,E,F,G,H,I 
# 
_pdbx_struct_assembly_auth_evidence.id                     1 
_pdbx_struct_assembly_auth_evidence.assembly_id            1 
_pdbx_struct_assembly_auth_evidence.experimental_support   none 
_pdbx_struct_assembly_auth_evidence.details                ? 
# 
_pdbx_struct_oper_list.id                   1 
_pdbx_struct_oper_list.type                 'identity operation' 
_pdbx_struct_oper_list.name                 1_555 
_pdbx_struct_oper_list.symmetry_operation   x,y,z 
_pdbx_struct_oper_list.matrix[1][1]         1.0000000000 
_pdbx_struct_oper_list.matrix[1][2]         0.0000000000 
_pdbx_struct_oper_list.matrix[1][3]         0.0000000000 
_pdbx_struct_oper_list.vector[1]            0.0000000000 
_pdbx_struct_oper_list.matrix[2][1]         0.0000000000 
_pdbx_struct_oper_list.matrix[2][2]         1.0000000000 
_pdbx_struct_oper_list.matrix[2][3]         0.0000000000 
_pdbx_struct_oper_list.vector[2]            0.0000000000 
_pdbx_struct_oper_list.matrix[3][1]         0.0000000000 
_pdbx_struct_oper_list.matrix[3][2]         0.0000000000 
_pdbx_struct_oper_list.matrix[3][3]         1.0000000000 
_pdbx_struct_oper_list.vector[3]            0.0000000000 
# 
loop_
_struct_conn.id 
_struct_conn.conn_type_id 
_struct_conn.pdbx_leaving_atom_flag 
_struct_conn.pdbx_PDB_id 
_struct_conn.ptnr1_label_asym_id 
_struct_conn.ptnr1_label_comp_id 
_struct_conn.ptnr1_label_seq_id 
_struct_conn.ptnr1_label_atom_id 
_struct_conn.pdbx_ptnr1_label_alt_id 
_struct_conn.pdbx_ptnr1_PDB_ins_code 
_struct_conn.pdbx_ptnr1_standard_comp_id 
_struct_conn.ptnr1_symmetry 
_struct_conn.ptnr2_label_asym_id 
_struct_conn.ptnr2_label_comp_id 
_struct_conn.ptnr2_label_seq_id 
_struct_conn.ptnr2_label_atom_id 
_struct_conn.pdbx_ptnr2_label_alt_id 
_struct_conn.pdbx_ptnr2_PDB_ins_code 
_struct_conn.ptnr1_auth_asym_id 
_struct_conn.ptnr1_auth_comp_id 
_struct_conn.ptnr1_auth_seq_id 
_struct_conn.ptnr2_auth_asym_id 
_struct_conn.ptnr2_auth_comp_id 
_struct_conn.ptnr2_auth_seq_id 
_struct_conn.ptnr2_symmetry 
_struct_conn.pdbx_ptnr3_label_atom_id 
_struct_conn.pdbx_ptnr3_label_seq_id 
_struct_conn.pdbx_ptnr3_label_comp_id 
_struct_conn.pdbx_ptnr3_label_asym_id 
_struct_conn.pdbx_ptnr3_label_alt_id 
_struct_conn.pdbx_ptnr3_PDB_ins_code 
_struct_conn.details 
_struct_conn.pdbx_dist_value 
_struct_conn.pdbx_value_order 
_struct_conn.pdbx_role 
metalc1  metalc ? ? A C 22 "O4'" ? ? ? 1_555 H K .  K  ? ? A C 22 A K 107 1_555 ? ? ? ? ? ? ?             2.791 ? ? 
metalc2  metalc ? ? A C 22 O2    ? ? ? 1_555 H K .  K  ? ? A C 22 A K 107 1_555 ? ? ? ? ? ? ?             3.185 ? ? 
metalc3  metalc ? ? A G 25 O6    ? ? ? 1_555 H K .  K  ? ? A G 25 A K 107 1_555 ? ? ? ? ? ? ?             2.593 ? ? 
metalc4  metalc ? ? A G 26 O6    ? ? ? 1_555 H K .  K  ? ? A G 26 A K 107 1_555 ? ? ? ? ? ? ?             3.037 ? ? 
hydrog1  hydrog ? ? A G 1  N1    ? ? ? 1_555 A C 33 N3 ? ? A G 1  A C 33  1_555 ? ? ? ? ? ? WATSON-CRICK  ?     ? ? 
hydrog2  hydrog ? ? A G 1  N2    ? ? ? 1_555 A C 33 O2 ? ? A G 1  A C 33  1_555 ? ? ? ? ? ? WATSON-CRICK  ?     ? ? 
hydrog3  hydrog ? ? A G 1  O6    ? ? ? 1_555 A C 33 N4 ? ? A G 1  A C 33  1_555 ? ? ? ? ? ? WATSON-CRICK  ?     ? ? 
hydrog4  hydrog ? ? A G 2  N1    ? ? ? 1_555 A C 32 N3 ? ? A G 2  A C 32  1_555 ? ? ? ? ? ? WATSON-CRICK  ?     ? ? 
hydrog5  hydrog ? ? A G 2  N2    ? ? ? 1_555 A C 32 O2 ? ? A G 2  A C 32  1_555 ? ? ? ? ? ? WATSON-CRICK  ?     ? ? 
hydrog6  hydrog ? ? A G 2  O6    ? ? ? 1_555 A C 32 N4 ? ? A G 2  A C 32  1_555 ? ? ? ? ? ? WATSON-CRICK  ?     ? ? 
hydrog7  hydrog ? ? A C 3  N3    ? ? ? 1_555 A G 31 N1 ? ? A C 3  A G 31  1_555 ? ? ? ? ? ? WATSON-CRICK  ?     ? ? 
hydrog8  hydrog ? ? A C 3  N4    ? ? ? 1_555 A G 31 O6 ? ? A C 3  A G 31  1_555 ? ? ? ? ? ? WATSON-CRICK  ?     ? ? 
hydrog9  hydrog ? ? A C 3  O2    ? ? ? 1_555 A G 31 N2 ? ? A C 3  A G 31  1_555 ? ? ? ? ? ? WATSON-CRICK  ?     ? ? 
hydrog10 hydrog ? ? A G 4  N1    ? ? ? 1_555 A C 30 N3 ? ? A G 4  A C 30  1_555 ? ? ? ? ? ? WATSON-CRICK  ?     ? ? 
hydrog11 hydrog ? ? A G 4  N2    ? ? ? 1_555 A C 30 O2 ? ? A G 4  A C 30  1_555 ? ? ? ? ? ? WATSON-CRICK  ?     ? ? 
hydrog12 hydrog ? ? A G 4  O6    ? ? ? 1_555 A C 30 N4 ? ? A G 4  A C 30  1_555 ? ? ? ? ? ? WATSON-CRICK  ?     ? ? 
hydrog13 hydrog ? ? A A 5  N1    ? ? ? 1_555 A G 29 N1 ? ? A A 5  A G 29  1_555 ? ? ? ? ? ? TYPE_8_PAIR   ?     ? ? 
hydrog14 hydrog ? ? A A 5  N6    ? ? ? 1_555 A G 29 O6 ? ? A A 5  A G 29  1_555 ? ? ? ? ? ? TYPE_8_PAIR   ?     ? ? 
hydrog15 hydrog ? ? A U 6  N3    ? ? ? 1_555 A U 23 O4 ? ? A U 6  A U 23  1_555 ? ? ? ? ? ? 'U-U MISPAIR' ?     ? ? 
hydrog16 hydrog ? ? A U 6  O2    ? ? ? 1_555 A A 28 N6 ? ? A U 6  A A 28  1_555 ? ? ? ? ? ? 'U-A PAIR'    ?     ? ? 
hydrog17 hydrog ? ? A A 7  N6    ? ? ? 1_555 A C 22 N3 ? ? A A 7  A C 22  1_555 ? ? ? ? ? ? TYPE_25_PAIR  ?     ? ? 
hydrog18 hydrog ? ? A A 7  N7    ? ? ? 1_555 A C 22 N4 ? ? A A 7  A C 22  1_555 ? ? ? ? ? ? TYPE_25_PAIR  ?     ? ? 
hydrog19 hydrog ? ? A A 7  N6    ? ? ? 1_555 A C 27 N3 ? ? A A 7  A C 27  1_555 ? ? ? ? ? ? 'A-C MISPAIR' ?     ? ? 
hydrog20 hydrog ? ? A C 8  N3    ? ? ? 1_555 A G 26 N1 ? ? A C 8  A G 26  1_555 ? ? ? ? ? ? WATSON-CRICK  ?     ? ? 
hydrog21 hydrog ? ? A C 8  N4    ? ? ? 1_555 A G 26 O6 ? ? A C 8  A G 26  1_555 ? ? ? ? ? ? WATSON-CRICK  ?     ? ? 
hydrog22 hydrog ? ? A C 8  O2    ? ? ? 1_555 A G 26 N2 ? ? A C 8  A G 26  1_555 ? ? ? ? ? ? WATSON-CRICK  ?     ? ? 
hydrog23 hydrog ? ? A C 9  N3    ? ? ? 1_555 A G 25 N1 ? ? A C 9  A G 25  1_555 ? ? ? ? ? ? WATSON-CRICK  ?     ? ? 
hydrog24 hydrog ? ? A C 9  N4    ? ? ? 1_555 A G 25 O6 ? ? A C 9  A G 25  1_555 ? ? ? ? ? ? WATSON-CRICK  ?     ? ? 
hydrog25 hydrog ? ? A C 9  O2    ? ? ? 1_555 A G 25 N2 ? ? A C 9  A G 25  1_555 ? ? ? ? ? ? WATSON-CRICK  ?     ? ? 
hydrog26 hydrog ? ? A A 10 N6    ? ? ? 1_555 A C 21 O2 ? ? A A 10 A C 21  1_555 ? ? ? ? ? ? 'A-C MISPAIR' ?     ? ? 
hydrog27 hydrog ? ? A G 11 N1    ? ? ? 1_555 A C 20 N3 ? ? A G 11 A C 20  1_555 ? ? ? ? ? ? WATSON-CRICK  ?     ? ? 
hydrog28 hydrog ? ? A G 11 N2    ? ? ? 1_555 A C 20 O2 ? ? A G 11 A C 20  1_555 ? ? ? ? ? ? WATSON-CRICK  ?     ? ? 
hydrog29 hydrog ? ? A G 11 O6    ? ? ? 1_555 A C 20 N4 ? ? A G 11 A C 20  1_555 ? ? ? ? ? ? WATSON-CRICK  ?     ? ? 
hydrog30 hydrog ? ? A C 12 N3    ? ? ? 1_555 A G 19 N1 ? ? A C 12 A G 19  1_555 ? ? ? ? ? ? WATSON-CRICK  ?     ? ? 
hydrog31 hydrog ? ? A C 12 N4    ? ? ? 1_555 A G 19 O6 ? ? A C 12 A G 19  1_555 ? ? ? ? ? ? WATSON-CRICK  ?     ? ? 
hydrog32 hydrog ? ? A C 12 O2    ? ? ? 1_555 A G 19 N2 ? ? A C 12 A G 19  1_555 ? ? ? ? ? ? WATSON-CRICK  ?     ? ? 
hydrog33 hydrog ? ? A C 13 N3    ? ? ? 1_555 A G 18 N1 ? ? A C 13 A G 18  1_555 ? ? ? ? ? ? WATSON-CRICK  ?     ? ? 
hydrog34 hydrog ? ? A C 13 N4    ? ? ? 1_555 A G 18 O6 ? ? A C 13 A G 18  1_555 ? ? ? ? ? ? WATSON-CRICK  ?     ? ? 
hydrog35 hydrog ? ? A C 13 O2    ? ? ? 1_555 A G 18 N2 ? ? A C 13 A G 18  1_555 ? ? ? ? ? ? WATSON-CRICK  ?     ? ? 
hydrog36 hydrog ? ? A G 14 N2    ? ? ? 1_555 A A 17 N7 ? ? A G 14 A A 17  1_555 ? ? ? ? ? ? 'G-A MISPAIR' ?     ? ? 
hydrog37 hydrog ? ? A C 22 O2    ? ? ? 1_555 A C 27 N4 ? ? A C 22 A C 27  1_555 ? ? ? ? ? ? 'C-C MISPAIR' ?     ? ? 
hydrog38 hydrog ? ? A U 23 N3    ? ? ? 1_555 A A 28 N7 ? ? A U 23 A A 28  1_555 ? ? ? ? ? ? HOOGSTEEN     ?     ? ? 
hydrog39 hydrog ? ? A U 23 O4    ? ? ? 1_555 A A 28 N6 ? ? A U 23 A A 28  1_555 ? ? ? ? ? ? HOOGSTEEN     ?     ? ? 
# 
loop_
_struct_conn_type.id 
_struct_conn_type.criteria 
_struct_conn_type.reference 
metalc ? ? 
hydrog ? ? 
# 
loop_
_pdbx_struct_conn_angle.id 
_pdbx_struct_conn_angle.ptnr1_label_atom_id 
_pdbx_struct_conn_angle.ptnr1_label_alt_id 
_pdbx_struct_conn_angle.ptnr1_label_asym_id 
_pdbx_struct_conn_angle.ptnr1_label_comp_id 
_pdbx_struct_conn_angle.ptnr1_label_seq_id 
_pdbx_struct_conn_angle.ptnr1_auth_atom_id 
_pdbx_struct_conn_angle.ptnr1_auth_asym_id 
_pdbx_struct_conn_angle.ptnr1_auth_comp_id 
_pdbx_struct_conn_angle.ptnr1_auth_seq_id 
_pdbx_struct_conn_angle.ptnr1_PDB_ins_code 
_pdbx_struct_conn_angle.ptnr1_symmetry 
_pdbx_struct_conn_angle.ptnr2_label_atom_id 
_pdbx_struct_conn_angle.ptnr2_label_alt_id 
_pdbx_struct_conn_angle.ptnr2_label_asym_id 
_pdbx_struct_conn_angle.ptnr2_label_comp_id 
_pdbx_struct_conn_angle.ptnr2_label_seq_id 
_pdbx_struct_conn_angle.ptnr2_auth_atom_id 
_pdbx_struct_conn_angle.ptnr2_auth_asym_id 
_pdbx_struct_conn_angle.ptnr2_auth_comp_id 
_pdbx_struct_conn_angle.ptnr2_auth_seq_id 
_pdbx_struct_conn_angle.ptnr2_PDB_ins_code 
_pdbx_struct_conn_angle.ptnr2_symmetry 
_pdbx_struct_conn_angle.ptnr3_label_atom_id 
_pdbx_struct_conn_angle.ptnr3_label_alt_id 
_pdbx_struct_conn_angle.ptnr3_label_asym_id 
_pdbx_struct_conn_angle.ptnr3_label_comp_id 
_pdbx_struct_conn_angle.ptnr3_label_seq_id 
_pdbx_struct_conn_angle.ptnr3_auth_atom_id 
_pdbx_struct_conn_angle.ptnr3_auth_asym_id 
_pdbx_struct_conn_angle.ptnr3_auth_comp_id 
_pdbx_struct_conn_angle.ptnr3_auth_seq_id 
_pdbx_struct_conn_angle.ptnr3_PDB_ins_code 
_pdbx_struct_conn_angle.ptnr3_symmetry 
_pdbx_struct_conn_angle.value 
_pdbx_struct_conn_angle.value_esd 
1 "O4'" ? A C 22 ? A C 22 ? 1_555 K ? H K . ? A K 107 ? 1_555 O2 ? A C 22 ? A C 22 ? 1_555 66.8  ? 
2 "O4'" ? A C 22 ? A C 22 ? 1_555 K ? H K . ? A K 107 ? 1_555 O6 ? A G 25 ? A G 25 ? 1_555 139.9 ? 
3 O2    ? A C 22 ? A C 22 ? 1_555 K ? H K . ? A K 107 ? 1_555 O6 ? A G 25 ? A G 25 ? 1_555 145.5 ? 
4 "O4'" ? A C 22 ? A C 22 ? 1_555 K ? H K . ? A K 107 ? 1_555 O6 ? A G 26 ? A G 26 ? 1_555 136.2 ? 
5 O2    ? A C 22 ? A C 22 ? 1_555 K ? H K . ? A K 107 ? 1_555 O6 ? A G 26 ? A G 26 ? 1_555 69.4  ? 
6 O6    ? A G 25 ? A G 25 ? 1_555 K ? H K . ? A K 107 ? 1_555 O6 ? A G 26 ? A G 26 ? 1_555 81.5  ? 
# 
_pdbx_entry_details.entry_id                   9JA7 
_pdbx_entry_details.has_ligand_of_interest     N 
_pdbx_entry_details.compound_details           ? 
_pdbx_entry_details.source_details             ? 
_pdbx_entry_details.nonpolymer_details         ? 
_pdbx_entry_details.sequence_details           ? 
_pdbx_entry_details.has_protein_modification   N 
# 
loop_
_chem_comp_atom.comp_id 
_chem_comp_atom.atom_id 
_chem_comp_atom.type_symbol 
_chem_comp_atom.pdbx_aromatic_flag 
_chem_comp_atom.pdbx_stereo_config 
_chem_comp_atom.pdbx_ordinal 
A   OP3    O  N N 1   
A   P      P  N N 2   
A   OP1    O  N N 3   
A   OP2    O  N N 4   
A   "O5'"  O  N N 5   
A   "C5'"  C  N N 6   
A   "C4'"  C  N R 7   
A   "O4'"  O  N N 8   
A   "C3'"  C  N S 9   
A   "O3'"  O  N N 10  
A   "C2'"  C  N R 11  
A   "O2'"  O  N N 12  
A   "C1'"  C  N R 13  
A   N9     N  Y N 14  
A   C8     C  Y N 15  
A   N7     N  Y N 16  
A   C5     C  Y N 17  
A   C6     C  Y N 18  
A   N6     N  N N 19  
A   N1     N  Y N 20  
A   C2     C  Y N 21  
A   N3     N  Y N 22  
A   C4     C  Y N 23  
A   HOP3   H  N N 24  
A   HOP2   H  N N 25  
A   "H5'"  H  N N 26  
A   "H5''" H  N N 27  
A   "H4'"  H  N N 28  
A   "H3'"  H  N N 29  
A   "HO3'" H  N N 30  
A   "H2'"  H  N N 31  
A   "HO2'" H  N N 32  
A   "H1'"  H  N N 33  
A   H8     H  N N 34  
A   H61    H  N N 35  
A   H62    H  N N 36  
A   H2     H  N N 37  
C   OP3    O  N N 38  
C   P      P  N N 39  
C   OP1    O  N N 40  
C   OP2    O  N N 41  
C   "O5'"  O  N N 42  
C   "C5'"  C  N N 43  
C   "C4'"  C  N R 44  
C   "O4'"  O  N N 45  
C   "C3'"  C  N S 46  
C   "O3'"  O  N N 47  
C   "C2'"  C  N R 48  
C   "O2'"  O  N N 49  
C   "C1'"  C  N R 50  
C   N1     N  N N 51  
C   C2     C  N N 52  
C   O2     O  N N 53  
C   N3     N  N N 54  
C   C4     C  N N 55  
C   N4     N  N N 56  
C   C5     C  N N 57  
C   C6     C  N N 58  
C   HOP3   H  N N 59  
C   HOP2   H  N N 60  
C   "H5'"  H  N N 61  
C   "H5''" H  N N 62  
C   "H4'"  H  N N 63  
C   "H3'"  H  N N 64  
C   "HO3'" H  N N 65  
C   "H2'"  H  N N 66  
C   "HO2'" H  N N 67  
C   "H1'"  H  N N 68  
C   H41    H  N N 69  
C   H42    H  N N 70  
C   H5     H  N N 71  
C   H6     H  N N 72  
G   OP3    O  N N 73  
G   P      P  N N 74  
G   OP1    O  N N 75  
G   OP2    O  N N 76  
G   "O5'"  O  N N 77  
G   "C5'"  C  N N 78  
G   "C4'"  C  N R 79  
G   "O4'"  O  N N 80  
G   "C3'"  C  N S 81  
G   "O3'"  O  N N 82  
G   "C2'"  C  N R 83  
G   "O2'"  O  N N 84  
G   "C1'"  C  N R 85  
G   N9     N  Y N 86  
G   C8     C  Y N 87  
G   N7     N  Y N 88  
G   C5     C  Y N 89  
G   C6     C  N N 90  
G   O6     O  N N 91  
G   N1     N  N N 92  
G   C2     C  N N 93  
G   N2     N  N N 94  
G   N3     N  N N 95  
G   C4     C  Y N 96  
G   HOP3   H  N N 97  
G   HOP2   H  N N 98  
G   "H5'"  H  N N 99  
G   "H5''" H  N N 100 
G   "H4'"  H  N N 101 
G   "H3'"  H  N N 102 
G   "HO3'" H  N N 103 
G   "H2'"  H  N N 104 
G   "HO2'" H  N N 105 
G   "H1'"  H  N N 106 
G   H8     H  N N 107 
G   H1     H  N N 108 
G   H21    H  N N 109 
G   H22    H  N N 110 
HOH O      O  N N 111 
HOH H1     H  N N 112 
HOH H2     H  N N 113 
K   K      K  N N 114 
NCO CO     CO N N 115 
NCO N1     N  N N 116 
NCO N2     N  N N 117 
NCO N3     N  N N 118 
NCO N4     N  N N 119 
NCO N5     N  N N 120 
NCO N6     N  N N 121 
NCO HN11   H  N N 122 
NCO HN12   H  N N 123 
NCO HN13   H  N N 124 
NCO HN21   H  N N 125 
NCO HN22   H  N N 126 
NCO HN23   H  N N 127 
NCO HN31   H  N N 128 
NCO HN32   H  N N 129 
NCO HN33   H  N N 130 
NCO HN41   H  N N 131 
NCO HN42   H  N N 132 
NCO HN43   H  N N 133 
NCO HN51   H  N N 134 
NCO HN52   H  N N 135 
NCO HN53   H  N N 136 
NCO HN61   H  N N 137 
NCO HN62   H  N N 138 
NCO HN63   H  N N 139 
U   OP3    O  N N 140 
U   P      P  N N 141 
U   OP1    O  N N 142 
U   OP2    O  N N 143 
U   "O5'"  O  N N 144 
U   "C5'"  C  N N 145 
U   "C4'"  C  N R 146 
U   "O4'"  O  N N 147 
U   "C3'"  C  N S 148 
U   "O3'"  O  N N 149 
U   "C2'"  C  N R 150 
U   "O2'"  O  N N 151 
U   "C1'"  C  N R 152 
U   N1     N  N N 153 
U   C2     C  N N 154 
U   O2     O  N N 155 
U   N3     N  N N 156 
U   C4     C  N N 157 
U   O4     O  N N 158 
U   C5     C  N N 159 
U   C6     C  N N 160 
U   HOP3   H  N N 161 
U   HOP2   H  N N 162 
U   "H5'"  H  N N 163 
U   "H5''" H  N N 164 
U   "H4'"  H  N N 165 
U   "H3'"  H  N N 166 
U   "HO3'" H  N N 167 
U   "H2'"  H  N N 168 
U   "HO2'" H  N N 169 
U   "H1'"  H  N N 170 
U   H3     H  N N 171 
U   H5     H  N N 172 
U   H6     H  N N 173 
# 
loop_
_chem_comp_bond.comp_id 
_chem_comp_bond.atom_id_1 
_chem_comp_bond.atom_id_2 
_chem_comp_bond.value_order 
_chem_comp_bond.pdbx_aromatic_flag 
_chem_comp_bond.pdbx_stereo_config 
_chem_comp_bond.pdbx_ordinal 
A   OP3   P      sing N N 1   
A   OP3   HOP3   sing N N 2   
A   P     OP1    doub N N 3   
A   P     OP2    sing N N 4   
A   P     "O5'"  sing N N 5   
A   OP2   HOP2   sing N N 6   
A   "O5'" "C5'"  sing N N 7   
A   "C5'" "C4'"  sing N N 8   
A   "C5'" "H5'"  sing N N 9   
A   "C5'" "H5''" sing N N 10  
A   "C4'" "O4'"  sing N N 11  
A   "C4'" "C3'"  sing N N 12  
A   "C4'" "H4'"  sing N N 13  
A   "O4'" "C1'"  sing N N 14  
A   "C3'" "O3'"  sing N N 15  
A   "C3'" "C2'"  sing N N 16  
A   "C3'" "H3'"  sing N N 17  
A   "O3'" "HO3'" sing N N 18  
A   "C2'" "O2'"  sing N N 19  
A   "C2'" "C1'"  sing N N 20  
A   "C2'" "H2'"  sing N N 21  
A   "O2'" "HO2'" sing N N 22  
A   "C1'" N9     sing N N 23  
A   "C1'" "H1'"  sing N N 24  
A   N9    C8     sing Y N 25  
A   N9    C4     sing Y N 26  
A   C8    N7     doub Y N 27  
A   C8    H8     sing N N 28  
A   N7    C5     sing Y N 29  
A   C5    C6     sing Y N 30  
A   C5    C4     doub Y N 31  
A   C6    N6     sing N N 32  
A   C6    N1     doub Y N 33  
A   N6    H61    sing N N 34  
A   N6    H62    sing N N 35  
A   N1    C2     sing Y N 36  
A   C2    N3     doub Y N 37  
A   C2    H2     sing N N 38  
A   N3    C4     sing Y N 39  
C   OP3   P      sing N N 40  
C   OP3   HOP3   sing N N 41  
C   P     OP1    doub N N 42  
C   P     OP2    sing N N 43  
C   P     "O5'"  sing N N 44  
C   OP2   HOP2   sing N N 45  
C   "O5'" "C5'"  sing N N 46  
C   "C5'" "C4'"  sing N N 47  
C   "C5'" "H5'"  sing N N 48  
C   "C5'" "H5''" sing N N 49  
C   "C4'" "O4'"  sing N N 50  
C   "C4'" "C3'"  sing N N 51  
C   "C4'" "H4'"  sing N N 52  
C   "O4'" "C1'"  sing N N 53  
C   "C3'" "O3'"  sing N N 54  
C   "C3'" "C2'"  sing N N 55  
C   "C3'" "H3'"  sing N N 56  
C   "O3'" "HO3'" sing N N 57  
C   "C2'" "O2'"  sing N N 58  
C   "C2'" "C1'"  sing N N 59  
C   "C2'" "H2'"  sing N N 60  
C   "O2'" "HO2'" sing N N 61  
C   "C1'" N1     sing N N 62  
C   "C1'" "H1'"  sing N N 63  
C   N1    C2     sing N N 64  
C   N1    C6     sing N N 65  
C   C2    O2     doub N N 66  
C   C2    N3     sing N N 67  
C   N3    C4     doub N N 68  
C   C4    N4     sing N N 69  
C   C4    C5     sing N N 70  
C   N4    H41    sing N N 71  
C   N4    H42    sing N N 72  
C   C5    C6     doub N N 73  
C   C5    H5     sing N N 74  
C   C6    H6     sing N N 75  
G   OP3   P      sing N N 76  
G   OP3   HOP3   sing N N 77  
G   P     OP1    doub N N 78  
G   P     OP2    sing N N 79  
G   P     "O5'"  sing N N 80  
G   OP2   HOP2   sing N N 81  
G   "O5'" "C5'"  sing N N 82  
G   "C5'" "C4'"  sing N N 83  
G   "C5'" "H5'"  sing N N 84  
G   "C5'" "H5''" sing N N 85  
G   "C4'" "O4'"  sing N N 86  
G   "C4'" "C3'"  sing N N 87  
G   "C4'" "H4'"  sing N N 88  
G   "O4'" "C1'"  sing N N 89  
G   "C3'" "O3'"  sing N N 90  
G   "C3'" "C2'"  sing N N 91  
G   "C3'" "H3'"  sing N N 92  
G   "O3'" "HO3'" sing N N 93  
G   "C2'" "O2'"  sing N N 94  
G   "C2'" "C1'"  sing N N 95  
G   "C2'" "H2'"  sing N N 96  
G   "O2'" "HO2'" sing N N 97  
G   "C1'" N9     sing N N 98  
G   "C1'" "H1'"  sing N N 99  
G   N9    C8     sing Y N 100 
G   N9    C4     sing Y N 101 
G   C8    N7     doub Y N 102 
G   C8    H8     sing N N 103 
G   N7    C5     sing Y N 104 
G   C5    C6     sing N N 105 
G   C5    C4     doub Y N 106 
G   C6    O6     doub N N 107 
G   C6    N1     sing N N 108 
G   N1    C2     sing N N 109 
G   N1    H1     sing N N 110 
G   C2    N2     sing N N 111 
G   C2    N3     doub N N 112 
G   N2    H21    sing N N 113 
G   N2    H22    sing N N 114 
G   N3    C4     sing N N 115 
HOH O     H1     sing N N 116 
HOH O     H2     sing N N 117 
NCO CO    N1     sing N N 118 
NCO CO    N2     sing N N 119 
NCO CO    N3     sing N N 120 
NCO CO    N4     sing N N 121 
NCO CO    N5     sing N N 122 
NCO CO    N6     sing N N 123 
NCO N1    HN11   sing N N 124 
NCO N1    HN12   sing N N 125 
NCO N1    HN13   sing N N 126 
NCO N2    HN21   sing N N 127 
NCO N2    HN22   sing N N 128 
NCO N2    HN23   sing N N 129 
NCO N3    HN31   sing N N 130 
NCO N3    HN32   sing N N 131 
NCO N3    HN33   sing N N 132 
NCO N4    HN41   sing N N 133 
NCO N4    HN42   sing N N 134 
NCO N4    HN43   sing N N 135 
NCO N5    HN51   sing N N 136 
NCO N5    HN52   sing N N 137 
NCO N5    HN53   sing N N 138 
NCO N6    HN61   sing N N 139 
NCO N6    HN62   sing N N 140 
NCO N6    HN63   sing N N 141 
U   OP3   P      sing N N 142 
U   OP3   HOP3   sing N N 143 
U   P     OP1    doub N N 144 
U   P     OP2    sing N N 145 
U   P     "O5'"  sing N N 146 
U   OP2   HOP2   sing N N 147 
U   "O5'" "C5'"  sing N N 148 
U   "C5'" "C4'"  sing N N 149 
U   "C5'" "H5'"  sing N N 150 
U   "C5'" "H5''" sing N N 151 
U   "C4'" "O4'"  sing N N 152 
U   "C4'" "C3'"  sing N N 153 
U   "C4'" "H4'"  sing N N 154 
U   "O4'" "C1'"  sing N N 155 
U   "C3'" "O3'"  sing N N 156 
U   "C3'" "C2'"  sing N N 157 
U   "C3'" "H3'"  sing N N 158 
U   "O3'" "HO3'" sing N N 159 
U   "C2'" "O2'"  sing N N 160 
U   "C2'" "C1'"  sing N N 161 
U   "C2'" "H2'"  sing N N 162 
U   "O2'" "HO2'" sing N N 163 
U   "C1'" N1     sing N N 164 
U   "C1'" "H1'"  sing N N 165 
U   N1    C2     sing N N 166 
U   N1    C6     sing N N 167 
U   C2    O2     doub N N 168 
U   C2    N3     sing N N 169 
U   N3    C4     sing N N 170 
U   N3    H3     sing N N 171 
U   C4    O4     doub N N 172 
U   C4    C5     sing N N 173 
U   C5    C6     doub N N 174 
U   C5    H5     sing N N 175 
U   C6    H6     sing N N 176 
# 
loop_
_ndb_struct_conf_na.entry_id 
_ndb_struct_conf_na.feature 
9JA7 'double helix'         
9JA7 'a-form double helix'  
9JA7 tetraloop              
9JA7 'bulge loop'           
9JA7 'mismatched base pair' 
9JA7 'quadruple helix'      
# 
loop_
_ndb_struct_na_base_pair.model_number 
_ndb_struct_na_base_pair.i_label_asym_id 
_ndb_struct_na_base_pair.i_label_comp_id 
_ndb_struct_na_base_pair.i_label_seq_id 
_ndb_struct_na_base_pair.i_symmetry 
_ndb_struct_na_base_pair.j_label_asym_id 
_ndb_struct_na_base_pair.j_label_comp_id 
_ndb_struct_na_base_pair.j_label_seq_id 
_ndb_struct_na_base_pair.j_symmetry 
_ndb_struct_na_base_pair.shear 
_ndb_struct_na_base_pair.stretch 
_ndb_struct_na_base_pair.stagger 
_ndb_struct_na_base_pair.buckle 
_ndb_struct_na_base_pair.propeller 
_ndb_struct_na_base_pair.opening 
_ndb_struct_na_base_pair.pair_number 
_ndb_struct_na_base_pair.pair_name 
_ndb_struct_na_base_pair.i_auth_asym_id 
_ndb_struct_na_base_pair.i_auth_seq_id 
_ndb_struct_na_base_pair.i_PDB_ins_code 
_ndb_struct_na_base_pair.j_auth_asym_id 
_ndb_struct_na_base_pair.j_auth_seq_id 
_ndb_struct_na_base_pair.j_PDB_ins_code 
_ndb_struct_na_base_pair.hbond_type_28 
_ndb_struct_na_base_pair.hbond_type_12 
1 A G 1  1_555 A C 33 1_555 -0.203 -0.453 -0.040 -5.428 -4.767  -2.529  1  A_G1:C33_A  A 1  ? A 33 ? 19 1 
1 A G 2  1_555 A C 32 1_555 -0.306 -0.351 -0.233 -7.570 -13.939 -0.714  2  A_G2:C32_A  A 2  ? A 32 ? 19 1 
1 A C 3  1_555 A G 31 1_555 -0.004 -0.157 -0.071 -2.822 -7.147  -0.211  3  A_C3:G31_A  A 3  ? A 31 ? 19 1 
1 A G 4  1_555 A C 30 1_555 -0.361 -0.366 -0.133 -6.254 -7.076  -2.770  4  A_G4:C30_A  A 4  ? A 30 ? 19 1 
1 A A 5  1_555 A G 29 1_555 -0.350 1.375  -0.235 2.319  -13.001 -13.495 5  A_A5:G29_A  A 5  ? A 29 ? 8  1 
1 A U 23 1_555 A A 28 1_555 -0.875 3.512  0.328  0.784  -7.699  -73.696 6  A_U23:A28_A A 23 ? A 28 ? 23 3 
1 A A 7  1_555 A C 22 1_555 -3.368 -0.730 -0.348 -5.431 -0.615  -94.878 7  A_A7:C22_A  A 7  ? A 22 ? 25 4 
1 A C 8  1_555 A G 26 1_555 0.398  -0.091 -0.097 17.030 -19.124 0.553   8  A_C8:G26_A  A 8  ? A 26 ? 19 1 
1 A C 9  1_555 A G 25 1_555 -0.387 -0.293 0.053  4.206  -7.076  -0.090  9  A_C9:G25_A  A 9  ? A 25 ? 19 1 
1 A A 10 1_555 A C 21 1_555 -4.396 -0.529 0.047  10.399 -0.887  4.390   10 A_A10:C21_A A 10 ? A 21 ? ?  1 
1 A G 11 1_555 A C 20 1_555 -0.420 -0.154 -0.018 6.969  -12.986 2.428   11 A_G11:C20_A A 11 ? A 20 ? 19 1 
1 A C 12 1_555 A G 19 1_555 0.091  -0.186 -0.362 4.135  -15.346 2.052   12 A_C12:G19_A A 12 ? A 19 ? 19 1 
1 A C 13 1_555 A G 18 1_555 0.536  -0.200 -0.009 -0.965 -3.082  4.985   13 A_C13:G18_A A 13 ? A 18 ? 19 1 
1 A G 14 1_555 A A 17 1_555 7.136  -5.003 0.860  13.084 -1.191  -22.586 14 A_G14:A17_A A 14 ? A 17 ? ?  ? 
# 
loop_
_ndb_struct_na_base_pair_step.model_number 
_ndb_struct_na_base_pair_step.i_label_asym_id_1 
_ndb_struct_na_base_pair_step.i_label_comp_id_1 
_ndb_struct_na_base_pair_step.i_label_seq_id_1 
_ndb_struct_na_base_pair_step.i_symmetry_1 
_ndb_struct_na_base_pair_step.j_label_asym_id_1 
_ndb_struct_na_base_pair_step.j_label_comp_id_1 
_ndb_struct_na_base_pair_step.j_label_seq_id_1 
_ndb_struct_na_base_pair_step.j_symmetry_1 
_ndb_struct_na_base_pair_step.i_label_asym_id_2 
_ndb_struct_na_base_pair_step.i_label_comp_id_2 
_ndb_struct_na_base_pair_step.i_label_seq_id_2 
_ndb_struct_na_base_pair_step.i_symmetry_2 
_ndb_struct_na_base_pair_step.j_label_asym_id_2 
_ndb_struct_na_base_pair_step.j_label_comp_id_2 
_ndb_struct_na_base_pair_step.j_label_seq_id_2 
_ndb_struct_na_base_pair_step.j_symmetry_2 
_ndb_struct_na_base_pair_step.shift 
_ndb_struct_na_base_pair_step.slide 
_ndb_struct_na_base_pair_step.rise 
_ndb_struct_na_base_pair_step.tilt 
_ndb_struct_na_base_pair_step.roll 
_ndb_struct_na_base_pair_step.twist 
_ndb_struct_na_base_pair_step.x_displacement 
_ndb_struct_na_base_pair_step.y_displacement 
_ndb_struct_na_base_pair_step.helical_rise 
_ndb_struct_na_base_pair_step.inclination 
_ndb_struct_na_base_pair_step.tip 
_ndb_struct_na_base_pair_step.helical_twist 
_ndb_struct_na_base_pair_step.step_number 
_ndb_struct_na_base_pair_step.step_name 
_ndb_struct_na_base_pair_step.i_auth_asym_id_1 
_ndb_struct_na_base_pair_step.i_auth_seq_id_1 
_ndb_struct_na_base_pair_step.i_PDB_ins_code_1 
_ndb_struct_na_base_pair_step.j_auth_asym_id_1 
_ndb_struct_na_base_pair_step.j_auth_seq_id_1 
_ndb_struct_na_base_pair_step.j_PDB_ins_code_1 
_ndb_struct_na_base_pair_step.i_auth_asym_id_2 
_ndb_struct_na_base_pair_step.i_auth_seq_id_2 
_ndb_struct_na_base_pair_step.i_PDB_ins_code_2 
_ndb_struct_na_base_pair_step.j_auth_asym_id_2 
_ndb_struct_na_base_pair_step.j_auth_seq_id_2 
_ndb_struct_na_base_pair_step.j_PDB_ins_code_2 
1 A G 1  1_555 A C 33 1_555 A G 2  1_555 A C 32 1_555 -0.746 -1.881 3.302 -0.605   9.025    29.539  -5.164 1.292  2.641 17.199  
1.153   30.864   1  AA_G1G2:C32C33_AA   A 1  ? A 33 ? A 2  ? A 32 ? 
1 A G 2  1_555 A C 32 1_555 A C 3  1_555 A G 31 1_555 0.255  -1.743 3.194 -0.047   7.921    30.521  -4.556 -0.477 2.668 14.738  
0.087   31.509   2  AA_G2C3:G31C32_AA   A 2  ? A 32 ? A 3  ? A 31 ? 
1 A C 3  1_555 A G 31 1_555 A G 4  1_555 A C 30 1_555 0.859  -1.679 3.370 4.132    6.306    31.325  -4.150 -0.814 3.068 11.472  
-7.516  32.198   3  AA_C3G4:C30G31_AA   A 3  ? A 31 ? A 4  ? A 30 ? 
1 A G 4  1_555 A C 30 1_555 A A 5  1_555 A G 29 1_555 -0.553 -2.355 3.143 2.682    2.622    26.446  -5.725 1.837  2.832 5.694   
-5.824  26.706   4  AA_G4A5:G29C30_AA   A 4  ? A 30 ? A 5  ? A 29 ? 
1 A A 5  1_555 A G 29 1_555 A U 23 1_555 A A 28 1_555 0.491  -4.596 0.647 -113.917 -129.244 125.576 -2.059 -0.457 2.001 -64.942 
57.240  176.473  5  AA_A5U23:A28G29_AA  A 5  ? A 29 ? A 23 ? A 28 ? 
1 A U 23 1_555 A A 28 1_555 A A 7  1_555 A C 22 1_555 0.987  3.675  0.783 -169.291 7.052    -38.931 -1.872 -0.153 1.047 -3.673  
-88.159 -170.043 6  AA_U23A7:C22A28_AA  A 23 ? A 28 ? A 7  ? A 22 ? 
1 A A 7  1_555 A C 22 1_555 A C 8  1_555 A G 26 1_555 -1.587 -2.069 2.735 0.419    14.758   -16.272 -0.786 -3.993 3.447 -42.456 
1.204   -21.938  7  AA_A7C8:G26C22_AA   A 7  ? A 22 ? A 8  ? A 26 ? 
1 A C 8  1_555 A G 26 1_555 A C 9  1_555 A G 25 1_555 -0.122 -2.476 3.479 -3.877   12.619   26.693  -7.218 -0.497 2.115 25.450  
7.818   29.726   8  AA_C8C9:G25G26_AA   A 8  ? A 26 ? A 9  ? A 25 ? 
1 A C 9  1_555 A G 25 1_555 A A 10 1_555 A C 21 1_555 3.707  -0.627 3.173 -2.930   -1.061   44.056  -0.741 -5.187 2.946 -1.412  
3.900   44.161   9  AA_C9A10:C21G25_AA  A 9  ? A 25 ? A 10 ? A 21 ? 
1 A A 10 1_555 A C 21 1_555 A G 11 1_555 A C 20 1_555 0.134  -1.469 3.460 -3.154   5.111    44.044  -2.431 -0.478 3.262 6.778   
4.183   44.431   10 AA_A10G11:C20C21_AA A 10 ? A 21 ? A 11 ? A 20 ? 
1 A G 11 1_555 A C 20 1_555 A C 12 1_555 A G 19 1_555 -0.213 -1.788 3.447 1.384    -2.061   35.471  -2.607 0.564  3.531 -3.377  
-2.268  35.555   11 AA_G11C12:G19C20_AA A 11 ? A 20 ? A 12 ? A 19 ? 
1 A C 12 1_555 A G 19 1_555 A C 13 1_555 A G 18 1_555 -0.035 -1.955 3.572 -2.302   6.415    29.912  -5.001 -0.402 3.090 12.229  
4.389   30.661   12 AA_C12C13:G18G19_AA A 12 ? A 19 ? A 13 ? A 18 ? 
1 A C 13 1_555 A G 18 1_555 A G 14 1_555 A A 17 1_555 -2.794 -1.125 2.875 0.467    10.209   46.754  -2.073 3.480  2.563 12.688  
-0.580  47.796   13 AA_C13G14:A17G18_AA A 13 ? A 18 ? A 14 ? A 17 ? 
# 
_pdbx_audit_support.funding_organization   'Japan Agency for Medical Research and Development (AMED)' 
_pdbx_audit_support.country                Japan 
_pdbx_audit_support.grant_number           JP23ama121014 
_pdbx_audit_support.ordinal                1 
# 
_atom_sites.entry_id                    9JA7 
_atom_sites.Cartn_transf_matrix[1][1]   ? 
_atom_sites.Cartn_transf_matrix[1][2]   ? 
_atom_sites.Cartn_transf_matrix[1][3]   ? 
_atom_sites.Cartn_transf_matrix[2][1]   ? 
_atom_sites.Cartn_transf_matrix[2][2]   ? 
_atom_sites.Cartn_transf_matrix[2][3]   ? 
_atom_sites.Cartn_transf_matrix[3][1]   ? 
_atom_sites.Cartn_transf_matrix[3][2]   ? 
_atom_sites.Cartn_transf_matrix[3][3]   ? 
_atom_sites.Cartn_transf_vector[1]      ? 
_atom_sites.Cartn_transf_vector[2]      ? 
_atom_sites.Cartn_transf_vector[3]      ? 
_atom_sites.Cartn_transform_axes        ? 
_atom_sites.fract_transf_matrix[1][1]   -0.00175098 
_atom_sites.fract_transf_matrix[1][2]   -0.02454010 
_atom_sites.fract_transf_matrix[1][3]   -0.00051459 
_atom_sites.fract_transf_matrix[2][1]   0.02014580 
_atom_sites.fract_transf_matrix[2][2]   -0.01370268 
_atom_sites.fract_transf_matrix[2][3]   -0.00344789 
_atom_sites.fract_transf_matrix[3][1]   0.00082056 
_atom_sites.fract_transf_matrix[3][2]   -0.00017355 
_atom_sites.fract_transf_matrix[3][3]   0.00548424 
_atom_sites.fract_transf_vector[1]      -0.293320 
_atom_sites.fract_transf_vector[2]      -0.464096 
_atom_sites.fract_transf_vector[3]      0.027661 
_atom_sites.solution_primary            ? 
_atom_sites.solution_secondary          ? 
_atom_sites.solution_hydrogens          ? 
_atom_sites.special_details             ? 
# 
loop_
_atom_type.symbol 
C  
CO 
K  
N  
O  
P  
# 
loop_
_atom_site.group_PDB 
_atom_site.id 
_atom_site.type_symbol 
_atom_site.label_atom_id 
_atom_site.label_alt_id 
_atom_site.label_comp_id 
_atom_site.label_asym_id 
_atom_site.label_entity_id 
_atom_site.label_seq_id 
_atom_site.pdbx_PDB_ins_code 
_atom_site.Cartn_x 
_atom_site.Cartn_y 
_atom_site.Cartn_z 
_atom_site.occupancy 
_atom_site.B_iso_or_equiv 
_atom_site.pdbx_formal_charge 
_atom_site.auth_seq_id 
_atom_site.auth_comp_id 
_atom_site.auth_asym_id 
_atom_site.auth_atom_id 
_atom_site.pdbx_PDB_model_num 
ATOM   1   O  "O5'" . G   A 1 1  ? -11.341 7.449   -13.792 1.00 56.74  ? 1   G   A "O5'" 1 
ATOM   2   C  "C5'" . G   A 1 1  ? -12.718 7.724   -13.592 1.00 46.10  ? 1   G   A "C5'" 1 
ATOM   3   C  "C4'" . G   A 1 1  ? -13.556 6.553   -14.021 1.00 49.28  ? 1   G   A "C4'" 1 
ATOM   4   O  "O4'" . G   A 1 1  ? -13.297 6.253   -15.423 1.00 51.49  ? 1   G   A "O4'" 1 
ATOM   5   C  "C3'" . G   A 1 1  ? -13.260 5.242   -13.322 1.00 46.55  ? 1   G   A "C3'" 1 
ATOM   6   O  "O3'" . G   A 1 1  ? -13.829 5.155   -12.030 1.00 51.79  ? 1   G   A "O3'" 1 
ATOM   7   C  "C2'" . G   A 1 1  ? -13.788 4.214   -14.318 1.00 48.48  ? 1   G   A "C2'" 1 
ATOM   8   O  "O2'" . G   A 1 1  ? -15.215 4.167   -14.300 1.00 50.12  ? 1   G   A "O2'" 1 
ATOM   9   C  "C1'" . G   A 1 1  ? -13.360 4.854   -15.633 1.00 44.33  ? 1   G   A "C1'" 1 
ATOM   10  N  N9    . G   A 1 1  ? -12.031 4.412   -16.066 1.00 38.47  ? 1   G   A N9    1 
ATOM   11  C  C8    . G   A 1 1  ? -10.922 5.207   -16.164 1.00 37.66  ? 1   G   A C8    1 
ATOM   12  N  N7    . G   A 1 1  ? -9.888  4.551   -16.619 1.00 38.23  ? 1   G   A N7    1 
ATOM   13  C  C5    . G   A 1 1  ? -10.350 3.257   -16.817 1.00 35.02  ? 1   G   A C5    1 
ATOM   14  C  C6    . G   A 1 1  ? -9.674  2.096   -17.281 1.00 40.44  ? 1   G   A C6    1 
ATOM   15  O  O6    . G   A 1 1  ? -8.489  1.957   -17.619 1.00 41.34  ? 1   G   A O6    1 
ATOM   16  N  N1    . G   A 1 1  ? -10.517 0.999   -17.356 1.00 39.80  ? 1   G   A N1    1 
ATOM   17  C  C2    . G   A 1 1  ? -11.841 1.026   -17.006 1.00 41.58  ? 1   G   A C2    1 
ATOM   18  N  N2    . G   A 1 1  ? -12.470 -0.151  -17.152 1.00 41.33  ? 1   G   A N2    1 
ATOM   19  N  N3    . G   A 1 1  ? -12.487 2.098   -16.549 1.00 36.34  ? 1   G   A N3    1 
ATOM   20  C  C4    . G   A 1 1  ? -11.678 3.165   -16.488 1.00 35.98  ? 1   G   A C4    1 
ATOM   21  P  P     . G   A 1 2  ? -13.059 4.333   -10.880 1.00 50.52  ? 2   G   A P     1 
ATOM   22  O  OP1   . G   A 1 2  ? -13.715 4.670   -9.593  1.00 46.49  ? 2   G   A OP1   1 
ATOM   23  O  OP2   . G   A 1 2  ? -11.595 4.535   -11.041 1.00 49.49  ? 2   G   A OP2   1 
ATOM   24  O  "O5'" . G   A 1 2  ? -13.363 2.820   -11.259 1.00 49.57  ? 2   G   A "O5'" 1 
ATOM   25  C  "C5'" . G   A 1 2  ? -14.697 2.330   -11.279 1.00 47.91  ? 2   G   A "C5'" 1 
ATOM   26  C  "C4'" . G   A 1 2  ? -14.725 0.893   -11.725 1.00 47.78  ? 2   G   A "C4'" 1 
ATOM   27  O  "O4'" . G   A 1 2  ? -14.247 0.795   -13.091 1.00 43.75  ? 2   G   A "O4'" 1 
ATOM   28  C  "C3'" . G   A 1 2  ? -13.805 -0.040  -10.960 1.00 44.80  ? 2   G   A "C3'" 1 
ATOM   29  O  "O3'" . G   A 1 2  ? -14.350 -0.463  -9.734  1.00 52.42  ? 2   G   A "O3'" 1 
ATOM   30  C  "C2'" . G   A 1 2  ? -13.592 -1.174  -11.941 1.00 46.84  ? 2   G   A "C2'" 1 
ATOM   31  O  "O2'" . G   A 1 2  ? -14.730 -2.019  -11.961 1.00 54.40  ? 2   G   A "O2'" 1 
ATOM   32  C  "C1'" . G   A 1 2  ? -13.532 -0.412  -13.264 1.00 44.43  ? 2   G   A "C1'" 1 
ATOM   33  N  N9    . G   A 1 2  ? -12.153 -0.072  -13.621 1.00 38.87  ? 2   G   A N9    1 
ATOM   34  C  C8    . G   A 1 2  ? -11.575 1.157   -13.499 1.00 40.74  ? 2   G   A C8    1 
ATOM   35  N  N7    . G   A 1 2  ? -10.332 1.153   -13.900 1.00 41.62  ? 2   G   A N7    1 
ATOM   36  C  C5    . G   A 1 2  ? -10.085 -0.154  -14.298 1.00 36.95  ? 2   G   A C5    1 
ATOM   37  C  C6    . G   A 1 2  ? -8.918  -0.760  -14.822 1.00 40.04  ? 2   G   A C6    1 
ATOM   38  O  O6    . G   A 1 2  ? -7.815  -0.258  -15.056 1.00 42.78  ? 2   G   A O6    1 
ATOM   39  N  N1    . G   A 1 2  ? -9.094  -2.108  -15.085 1.00 40.90  ? 2   G   A N1    1 
ATOM   40  C  C2    . G   A 1 2  ? -10.249 -2.795  -14.870 1.00 40.38  ? 2   G   A C2    1 
ATOM   41  N  N2    . G   A 1 2  ? -10.195 -4.098  -15.189 1.00 40.00  ? 2   G   A N2    1 
ATOM   42  N  N3    . G   A 1 2  ? -11.356 -2.242  -14.397 1.00 42.10  ? 2   G   A N3    1 
ATOM   43  C  C4    . G   A 1 2  ? -11.202 -0.926  -14.130 1.00 39.96  ? 2   G   A C4    1 
ATOM   44  P  P     . C   A 1 3  ? -13.387 -0.646  -8.463  1.00 46.07  ? 3   C   A P     1 
ATOM   45  O  OP1   . C   A 1 3  ? -14.311 -0.973  -7.352  1.00 46.23  ? 3   C   A OP1   1 
ATOM   46  O  OP2   . C   A 1 3  ? -12.478 0.522   -8.384  1.00 45.70  ? 3   C   A OP2   1 
ATOM   47  O  "O5'" . C   A 1 3  ? -12.484 -1.896  -8.855  1.00 47.18  ? 3   C   A "O5'" 1 
ATOM   48  C  "C5'" . C   A 1 3  ? -13.084 -3.165  -9.047  1.00 48.00  ? 3   C   A "C5'" 1 
ATOM   49  C  "C4'" . C   A 1 3  ? -12.086 -4.213  -9.472  1.00 45.05  ? 3   C   A "C4'" 1 
ATOM   50  O  "O4'" . C   A 1 3  ? -11.592 -3.907  -10.791 1.00 44.69  ? 3   C   A "O4'" 1 
ATOM   51  C  "C3'" . C   A 1 3  ? -10.822 -4.326  -8.646  1.00 43.02  ? 3   C   A "C3'" 1 
ATOM   52  O  "O3'" . C   A 1 3  ? -10.983 -5.000  -7.421  1.00 48.06  ? 3   C   A "O3'" 1 
ATOM   53  C  "C2'" . C   A 1 3  ? -9.876  -5.023  -9.597  1.00 42.89  ? 3   C   A "C2'" 1 
ATOM   54  O  "O2'" . C   A 1 3  ? -10.159 -6.407  -9.670  1.00 44.92  ? 3   C   A "O2'" 1 
ATOM   55  C  "C1'" . C   A 1 3  ? -10.263 -4.367  -10.917 1.00 44.32  ? 3   C   A "C1'" 1 
ATOM   56  N  N1    . C   A 1 3  ? -9.377  -3.225  -11.223 1.00 38.96  ? 3   C   A N1    1 
ATOM   57  C  C2    . C   A 1 3  ? -8.205  -3.590  -11.844 1.00 37.58  ? 3   C   A C2    1 
ATOM   58  O  O2    . C   A 1 3  ? -8.025  -4.791  -12.061 1.00 39.16  ? 3   C   A O2    1 
ATOM   59  N  N3    . C   A 1 3  ? -7.314  -2.652  -12.184 1.00 38.94  ? 3   C   A N3    1 
ATOM   60  C  C4    . C   A 1 3  ? -7.574  -1.386  -11.900 1.00 37.09  ? 3   C   A C4    1 
ATOM   61  N  N4    . C   A 1 3  ? -6.632  -0.519  -12.256 1.00 36.31  ? 3   C   A N4    1 
ATOM   62  C  C5    . C   A 1 3  ? -8.777  -0.968  -11.260 1.00 34.49  ? 3   C   A C5    1 
ATOM   63  C  C6    . C   A 1 3  ? -9.659  -1.922  -10.932 1.00 38.08  ? 3   C   A C6    1 
ATOM   64  P  P     . G   A 1 4  ? -9.997  -4.643  -6.202  1.00 49.99  ? 4   G   A P     1 
ATOM   65  O  OP1   . G   A 1 4  ? -10.401 -5.482  -5.038  1.00 50.84  ? 4   G   A OP1   1 
ATOM   66  O  OP2   . G   A 1 4  ? -10.013 -3.168  -6.033  1.00 43.69  ? 4   G   A OP2   1 
ATOM   67  O  "O5'" . G   A 1 4  ? -8.566  -5.116  -6.726  1.00 44.42  ? 4   G   A "O5'" 1 
ATOM   68  C  "C5'" . G   A 1 4  ? -8.289  -6.491  -6.904  1.00 41.39  ? 4   G   A "C5'" 1 
ATOM   69  C  "C4'" . G   A 1 4  ? -6.936  -6.734  -7.526  1.00 46.98  ? 4   G   A "C4'" 1 
ATOM   70  O  "O4'" . G   A 1 4  ? -6.855  -6.127  -8.840  1.00 50.60  ? 4   G   A "O4'" 1 
ATOM   71  C  "C3'" . G   A 1 4  ? -5.693  -6.190  -6.835  1.00 49.40  ? 4   G   A "C3'" 1 
ATOM   72  O  "O3'" . G   A 1 4  ? -5.322  -6.868  -5.646  1.00 59.95  ? 4   G   A "O3'" 1 
ATOM   73  C  "C2'" . G   A 1 4  ? -4.668  -6.333  -7.941  1.00 52.09  ? 4   G   A "C2'" 1 
ATOM   74  O  "O2'" . G   A 1 4  ? -4.315  -7.700  -8.110  1.00 53.63  ? 4   G   A "O2'" 1 
ATOM   75  C  "C1'" . G   A 1 4  ? -5.495  -5.880  -9.152  1.00 48.83  ? 4   G   A "C1'" 1 
ATOM   76  N  N9    . G   A 1 4  ? -5.286  -4.439  -9.355  1.00 42.84  ? 4   G   A N9    1 
ATOM   77  C  C8    . G   A 1 4  ? -6.044  -3.397  -8.887  1.00 41.94  ? 4   G   A C8    1 
ATOM   78  N  N7    . G   A 1 4  ? -5.526  -2.232  -9.190  1.00 42.26  ? 4   G   A N7    1 
ATOM   79  C  C5    . G   A 1 4  ? -4.350  -2.545  -9.869  1.00 42.73  ? 4   G   A C5    1 
ATOM   80  C  C6    . G   A 1 4  ? -3.364  -1.700  -10.442 1.00 44.80  ? 4   G   A C6    1 
ATOM   81  O  O6    . G   A 1 4  ? -3.367  -0.469  -10.441 1.00 45.72  ? 4   G   A O6    1 
ATOM   82  N  N1    . G   A 1 4  ? -2.316  -2.402  -11.048 1.00 42.79  ? 4   G   A N1    1 
ATOM   83  C  C2    . G   A 1 4  ? -2.247  -3.775  -11.088 1.00 44.98  ? 4   G   A C2    1 
ATOM   84  N  N2    . G   A 1 4  ? -1.172  -4.291  -11.698 1.00 42.25  ? 4   G   A N2    1 
ATOM   85  N  N3    . G   A 1 4  ? -3.168  -4.581  -10.559 1.00 46.91  ? 4   G   A N3    1 
ATOM   86  C  C4    . G   A 1 4  ? -4.184  -3.900  -9.973  1.00 42.98  ? 4   G   A C4    1 
ATOM   87  P  P     . A   A 1 5  ? -4.480  -6.112  -4.493  1.00 60.68  ? 5   A   A P     1 
ATOM   88  O  OP1   . A   A 1 5  ? -4.742  -6.852  -3.238  1.00 61.26  ? 5   A   A OP1   1 
ATOM   89  O  OP2   . A   A 1 5  ? -4.824  -4.660  -4.492  1.00 56.30  ? 5   A   A OP2   1 
ATOM   90  O  "O5'" . A   A 1 5  ? -2.954  -6.283  -4.936  1.00 48.30  ? 5   A   A "O5'" 1 
ATOM   91  C  "C5'" . A   A 1 5  ? -2.337  -7.558  -5.015  1.00 49.49  ? 5   A   A "C5'" 1 
ATOM   92  C  "C4'" . A   A 1 5  ? -1.190  -7.574  -6.003  1.00 50.54  ? 5   A   A "C4'" 1 
ATOM   93  O  "O4'" . A   A 1 5  ? -1.587  -6.892  -7.221  1.00 52.86  ? 5   A   A "O4'" 1 
ATOM   94  C  "C3'" . A   A 1 5  ? 0.081   -6.844  -5.590  1.00 54.60  ? 5   A   A "C3'" 1 
ATOM   95  O  "O3'" . A   A 1 5  ? 0.902   -7.582  -4.704  1.00 59.62  ? 5   A   A "O3'" 1 
ATOM   96  C  "C2'" . A   A 1 5  ? 0.736   -6.561  -6.935  1.00 55.02  ? 5   A   A "C2'" 1 
ATOM   97  O  "O2'" . A   A 1 5  ? 1.312   -7.735  -7.480  1.00 56.10  ? 5   A   A "O2'" 1 
ATOM   98  C  "C1'" . A   A 1 5  ? -0.481  -6.208  -7.775  1.00 49.36  ? 5   A   A "C1'" 1 
ATOM   99  N  N9    . A   A 1 5  ? -0.744  -4.754  -7.743  1.00 47.49  ? 5   A   A N9    1 
ATOM   100 C  C8    . A   A 1 5  ? -1.712  -4.061  -7.056  1.00 50.42  ? 5   A   A C8    1 
ATOM   101 N  N7    . A   A 1 5  ? -1.661  -2.759  -7.224  1.00 47.63  ? 5   A   A N7    1 
ATOM   102 C  C5    . A   A 1 5  ? -0.583  -2.592  -8.076  1.00 44.19  ? 5   A   A C5    1 
ATOM   103 C  C6    . A   A 1 5  ? -0.013  -1.451  -8.643  1.00 46.61  ? 5   A   A C6    1 
ATOM   104 N  N6    . A   A 1 5  ? -0.476  -0.216  -8.417  1.00 48.42  ? 5   A   A N6    1 
ATOM   105 N  N1    . A   A 1 5  ? 1.054   -1.618  -9.455  1.00 46.47  ? 5   A   A N1    1 
ATOM   106 C  C2    . A   A 1 5  ? 1.514   -2.857  -9.677  1.00 46.67  ? 5   A   A C2    1 
ATOM   107 N  N3    . A   A 1 5  ? 1.057   -4.011  -9.199  1.00 48.78  ? 5   A   A N3    1 
ATOM   108 C  C4    . A   A 1 5  ? -0.004  -3.802  -8.397  1.00 46.76  ? 5   A   A C4    1 
ATOM   109 P  P     . U   A 1 6  ? 1.510   -6.899  -3.377  1.00 64.87  ? 6   U   A P     1 
ATOM   110 O  OP1   . U   A 1 6  ? 1.892   -8.035  -2.495  1.00 51.45  ? 6   U   A OP1   1 
ATOM   111 O  OP2   . U   A 1 6  ? 0.612   -5.836  -2.833  1.00 54.24  ? 6   U   A OP2   1 
ATOM   112 O  "O5'" . U   A 1 6  ? 2.811   -6.145  -3.904  1.00 58.17  ? 6   U   A "O5'" 1 
ATOM   113 C  "C5'" . U   A 1 6  ? 3.698   -6.747  -4.837  1.00 53.71  ? 6   U   A "C5'" 1 
ATOM   114 C  "C4'" . U   A 1 6  ? 4.451   -5.699  -5.623  1.00 54.05  ? 6   U   A "C4'" 1 
ATOM   115 O  "O4'" . U   A 1 6  ? 3.542   -5.026  -6.532  1.00 55.05  ? 6   U   A "O4'" 1 
ATOM   116 C  "C3'" . U   A 1 6  ? 5.062   -4.555  -4.829  1.00 55.37  ? 6   U   A "C3'" 1 
ATOM   117 O  "O3'" . U   A 1 6  ? 6.277   -4.890  -4.177  1.00 55.89  ? 6   U   A "O3'" 1 
ATOM   118 C  "C2'" . U   A 1 6  ? 5.219   -3.478  -5.892  1.00 50.68  ? 6   U   A "C2'" 1 
ATOM   119 O  "O2'" . U   A 1 6  ? 6.322   -3.774  -6.733  1.00 54.22  ? 6   U   A "O2'" 1 
ATOM   120 C  "C1'" . U   A 1 6  ? 3.948   -3.684  -6.709  1.00 51.36  ? 6   U   A "C1'" 1 
ATOM   121 N  N1    . U   A 1 6  ? 2.863   -2.788  -6.267  1.00 48.86  ? 6   U   A N1    1 
ATOM   122 C  C2    . U   A 1 6  ? 2.894   -1.476  -6.708  1.00 47.75  ? 6   U   A C2    1 
ATOM   123 O  O2    . U   A 1 6  ? 3.777   -1.052  -7.439  1.00 48.33  ? 6   U   A O2    1 
ATOM   124 N  N3    . U   A 1 6  ? 1.872   -0.678  -6.258  1.00 41.50  ? 6   U   A N3    1 
ATOM   125 C  C4    . U   A 1 6  ? 0.838   -1.055  -5.439  1.00 44.40  ? 6   U   A C4    1 
ATOM   126 O  O4    . U   A 1 6  ? -0.016  -0.234  -5.100  1.00 44.98  ? 6   U   A O4    1 
ATOM   127 C  C5    . U   A 1 6  ? 0.887   -2.425  -5.030  1.00 51.41  ? 6   U   A C5    1 
ATOM   128 C  C6    . U   A 1 6  ? 1.870   -3.232  -5.442  1.00 50.47  ? 6   U   A C6    1 
ATOM   129 P  P     . A   A 1 7  ? 6.712   -4.143  -2.818  1.00 46.74  ? 7   A   A P     1 
ATOM   130 O  OP1   . A   A 1 7  ? 7.662   -5.077  -2.182  1.00 53.73  ? 7   A   A OP1   1 
ATOM   131 O  OP2   . A   A 1 7  ? 5.538   -3.614  -2.076  1.00 48.25  ? 7   A   A OP2   1 
ATOM   132 O  "O5'" . A   A 1 7  ? 7.509   -2.853  -3.305  1.00 56.30  ? 7   A   A "O5'" 1 
ATOM   133 C  "C5'" . A   A 1 7  ? 8.745   -2.973  -3.996  1.00 55.08  ? 7   A   A "C5'" 1 
ATOM   134 C  "C4'" . A   A 1 7  ? 9.393   -1.627  -4.219  1.00 56.25  ? 7   A   A "C4'" 1 
ATOM   135 O  "O4'" . A   A 1 7  ? 8.626   -0.856  -5.184  1.00 54.64  ? 7   A   A "O4'" 1 
ATOM   136 C  "C3'" . A   A 1 7  ? 9.488   -0.700  -3.012  1.00 54.35  ? 7   A   A "C3'" 1 
ATOM   137 O  "O3'" . A   A 1 7  ? 10.541  -1.027  -2.115  1.00 52.27  ? 7   A   A "O3'" 1 
ATOM   138 C  "C2'" . A   A 1 7  ? 9.648   0.659   -3.674  1.00 51.51  ? 7   A   A "C2'" 1 
ATOM   139 O  "O2'" . A   A 1 7  ? 10.957  0.785   -4.209  1.00 50.17  ? 7   A   A "O2'" 1 
ATOM   140 C  "C1'" . A   A 1 7  ? 8.688   0.518   -4.851  1.00 54.11  ? 7   A   A "C1'" 1 
ATOM   141 N  N9    . A   A 1 7  ? 7.328   0.981   -4.528  1.00 50.64  ? 7   A   A N9    1 
ATOM   142 C  C8    . A   A 1 7  ? 6.286   0.225   -4.070  1.00 50.79  ? 7   A   A C8    1 
ATOM   143 N  N7    . A   A 1 7  ? 5.184   0.898   -3.878  1.00 49.30  ? 7   A   A N7    1 
ATOM   144 C  C5    . A   A 1 7  ? 5.525   2.190   -4.233  1.00 48.42  ? 7   A   A C5    1 
ATOM   145 C  C6    . A   A 1 7  ? 4.786   3.382   -4.265  1.00 49.39  ? 7   A   A C6    1 
ATOM   146 N  N6    . A   A 1 7  ? 3.505   3.470   -3.900  1.00 46.97  ? 7   A   A N6    1 
ATOM   147 N  N1    . A   A 1 7  ? 5.429   4.496   -4.679  1.00 50.95  ? 7   A   A N1    1 
ATOM   148 C  C2    . A   A 1 7  ? 6.710   4.414   -5.047  1.00 48.25  ? 7   A   A C2    1 
ATOM   149 N  N3    . A   A 1 7  ? 7.498   3.344   -5.065  1.00 50.74  ? 7   A   A N3    1 
ATOM   150 C  C4    . A   A 1 7  ? 6.842   2.255   -4.637  1.00 48.58  ? 7   A   A C4    1 
ATOM   151 P  P     . C   A 1 8  ? 10.341  -0.858  -0.527  1.00 52.68  ? 8   C   A P     1 
ATOM   152 O  OP1   . C   A 1 8  ? 11.567  -1.429  0.099   1.00 60.47  ? 8   C   A OP1   1 
ATOM   153 O  OP2   . C   A 1 8  ? 8.981   -1.271  -0.118  1.00 50.24  ? 8   C   A OP2   1 
ATOM   154 O  "O5'" . C   A 1 8  ? 10.345  0.706   -0.285  1.00 54.64  ? 8   C   A "O5'" 1 
ATOM   155 C  "C5'" . C   A 1 8  ? 11.525  1.445   -0.522  1.00 52.30  ? 8   C   A "C5'" 1 
ATOM   156 C  "C4'" . C   A 1 8  ? 11.232  2.902   -0.718  1.00 50.27  ? 8   C   A "C4'" 1 
ATOM   157 O  "O4'" . C   A 1 8  ? 10.254  3.089   -1.778  1.00 49.94  ? 8   C   A "O4'" 1 
ATOM   158 C  "C3'" . C   A 1 8  ? 10.611  3.635   0.450   1.00 49.47  ? 8   C   A "C3'" 1 
ATOM   159 O  "O3'" . C   A 1 8  ? 11.523  3.913   1.485   1.00 54.63  ? 8   C   A "O3'" 1 
ATOM   160 C  "C2'" . C   A 1 8  ? 10.072  4.877   -0.236  1.00 49.46  ? 8   C   A "C2'" 1 
ATOM   161 O  "O2'" . C   A 1 8  ? 11.150  5.730   -0.583  1.00 51.67  ? 8   C   A "O2'" 1 
ATOM   162 C  "C1'" . C   A 1 8  ? 9.513   4.267   -1.523  1.00 45.15  ? 8   C   A "C1'" 1 
ATOM   163 N  N1    . C   A 1 8  ? 8.093   3.905   -1.351  1.00 50.19  ? 8   C   A N1    1 
ATOM   164 C  C2    . C   A 1 8  ? 7.124   4.914   -1.476  1.00 47.87  ? 8   C   A C2    1 
ATOM   165 O  O2    . C   A 1 8  ? 7.458   6.062   -1.754  1.00 46.04  ? 8   C   A O2    1 
ATOM   166 N  N3    . C   A 1 8  ? 5.825   4.623   -1.288  1.00 50.09  ? 8   C   A N3    1 
ATOM   167 C  C4    . C   A 1 8  ? 5.489   3.368   -0.989  1.00 49.55  ? 8   C   A C4    1 
ATOM   168 N  N4    . C   A 1 8  ? 4.195   3.124   -0.826  1.00 49.54  ? 8   C   A N4    1 
ATOM   169 C  C5    . C   A 1 8  ? 6.446   2.319   -0.842  1.00 48.22  ? 8   C   A C5    1 
ATOM   170 C  C6    . C   A 1 8  ? 7.734   2.623   -1.019  1.00 48.12  ? 8   C   A C6    1 
ATOM   171 P  P     . C   A 1 9  ? 11.087  3.714   3.013   1.00 53.99  ? 9   C   A P     1 
ATOM   172 O  OP1   . C   A 1 9  ? 12.367  3.554   3.735   1.00 51.21  ? 9   C   A OP1   1 
ATOM   173 O  OP2   . C   A 1 9  ? 10.010  2.690   3.060   1.00 55.23  ? 9   C   A OP2   1 
ATOM   174 O  "O5'" . C   A 1 9  ? 10.396  5.083   3.450   1.00 51.74  ? 9   C   A "O5'" 1 
ATOM   175 C  "C5'" . C   A 1 9  ? 10.989  6.332   3.146   1.00 47.69  ? 9   C   A "C5'" 1 
ATOM   176 C  "C4'" . C   A 1 9  ? 9.991   7.466   3.201   1.00 50.27  ? 9   C   A "C4'" 1 
ATOM   177 O  "O4'" . C   A 1 9  ? 9.041   7.385   2.097   1.00 53.83  ? 9   C   A "O4'" 1 
ATOM   178 C  "C3'" . C   A 1 9  ? 9.087   7.565   4.420   1.00 45.45  ? 9   C   A "C3'" 1 
ATOM   179 O  "O3'" . C   A 1 9  ? 9.720   8.018   5.606   1.00 51.25  ? 9   C   A "O3'" 1 
ATOM   180 C  "C2'" . C   A 1 9  ? 7.995   8.506   3.915   1.00 50.77  ? 9   C   A "C2'" 1 
ATOM   181 O  "O2'" . C   A 1 9  ? 8.454   9.849   3.850   1.00 47.79  ? 9   C   A "O2'" 1 
ATOM   182 C  "C1'" . C   A 1 9  ? 7.825   8.014   2.479   1.00 45.56  ? 9   C   A "C1'" 1 
ATOM   183 N  N1    . C   A 1 9  ? 6.700   7.063   2.361   1.00 46.23  ? 9   C   A N1    1 
ATOM   184 C  C2    . C   A 1 9  ? 5.387   7.565   2.501   1.00 49.28  ? 9   C   A C2    1 
ATOM   185 O  O2    . C   A 1 9  ? 5.208   8.772   2.714   1.00 47.70  ? 9   C   A O2    1 
ATOM   186 N  N3    . C   A 1 9  ? 4.323   6.730   2.398   1.00 49.40  ? 9   C   A N3    1 
ATOM   187 C  C4    . C   A 1 9  ? 4.535   5.428   2.174   1.00 52.03  ? 9   C   A C4    1 
ATOM   188 N  N4    . C   A 1 9  ? 3.459   4.634   2.069   1.00 49.44  ? 9   C   A N4    1 
ATOM   189 C  C5    . C   A 1 9  ? 5.859   4.890   2.034   1.00 50.30  ? 9   C   A C5    1 
ATOM   190 C  C6    . C   A 1 9  ? 6.905   5.728   2.135   1.00 47.81  ? 9   C   A C6    1 
ATOM   191 P  P     . A   A 1 10 ? 9.178   7.495   7.029   1.00 48.58  ? 10  A   A P     1 
ATOM   192 O  OP1   . A   A 1 10 ? 9.933   8.093   8.153   1.00 55.93  ? 10  A   A OP1   1 
ATOM   193 O  OP2   . A   A 1 10 ? 9.102   6.022   6.882   1.00 47.21  ? 10  A   A OP2   1 
ATOM   194 O  "O5'" . A   A 1 10 ? 7.700   8.066   7.120   1.00 51.82  ? 10  A   A "O5'" 1 
ATOM   195 C  "C5'" . A   A 1 10 ? 7.448   9.419   7.461   1.00 50.67  ? 10  A   A "C5'" 1 
ATOM   196 C  "C4'" . A   A 1 10 ? 5.967   9.700   7.462   1.00 50.58  ? 10  A   A "C4'" 1 
ATOM   197 O  "O4'" . A   A 1 10 ? 5.398   9.308   6.185   1.00 51.36  ? 10  A   A "O4'" 1 
ATOM   198 C  "C3'" . A   A 1 10 ? 5.136   8.916   8.461   1.00 50.48  ? 10  A   A "C3'" 1 
ATOM   199 O  "O3'" . A   A 1 10 ? 5.218   9.401   9.788   1.00 59.82  ? 10  A   A "O3'" 1 
ATOM   200 C  "C2'" . A   A 1 10 ? 3.745   8.996   7.846   1.00 49.38  ? 10  A   A "C2'" 1 
ATOM   201 O  "O2'" . A   A 1 10 ? 3.182   10.283  8.010   1.00 51.22  ? 10  A   A "O2'" 1 
ATOM   202 C  "C1'" . A   A 1 10 ? 4.078   8.828   6.378   1.00 50.13  ? 10  A   A "C1'" 1 
ATOM   203 N  N9    . A   A 1 10 ? 4.018   7.409   6.002   1.00 48.78  ? 10  A   A N9    1 
ATOM   204 C  C8    . A   A 1 10 ? 5.050   6.544   5.769   1.00 50.11  ? 10  A   A C8    1 
ATOM   205 N  N7    . A   A 1 10 ? 4.654   5.333   5.468   1.00 51.07  ? 10  A   A N7    1 
ATOM   206 C  C5    . A   A 1 10 ? 3.276   5.414   5.523   1.00 47.63  ? 10  A   A C5    1 
ATOM   207 C  C6    . A   A 1 10 ? 2.283   4.456   5.305   1.00 50.51  ? 10  A   A C6    1 
ATOM   208 N  N6    . A   A 1 10 ? 2.555   3.187   4.977   1.00 49.80  ? 10  A   A N6    1 
ATOM   209 N  N1    . A   A 1 10 ? 1.001   4.857   5.438   1.00 51.28  ? 10  A   A N1    1 
ATOM   210 C  C2    . A   A 1 10 ? 0.760   6.135   5.764   1.00 51.95  ? 10  A   A C2    1 
ATOM   211 N  N3    . A   A 1 10 ? 1.616   7.127   6.000   1.00 49.97  ? 10  A   A N3    1 
ATOM   212 C  C4    . A   A 1 10 ? 2.871   6.686   5.855   1.00 46.51  ? 10  A   A C4    1 
ATOM   213 P  P     . G   A 1 11 ? 5.154   8.367   11.020  1.00 61.37  ? 11  G   A P     1 
ATOM   214 O  OP1   . G   A 1 11 ? 5.166   9.141   12.286  1.00 52.33  ? 11  G   A OP1   1 
ATOM   215 O  OP2   . G   A 1 11 ? 6.151   7.291   10.752  1.00 56.21  ? 11  G   A OP2   1 
ATOM   216 O  "O5'" . G   A 1 11 ? 3.693   7.750   10.922  1.00 57.57  ? 11  G   A "O5'" 1 
ATOM   217 C  "C5'" . G   A 1 11 ? 2.552   8.557   11.158  1.00 55.91  ? 11  G   A "C5'" 1 
ATOM   218 C  "C4'" . G   A 1 11 ? 1.289   7.816   10.808  1.00 57.36  ? 11  G   A "C4'" 1 
ATOM   219 O  "O4'" . G   A 1 11 ? 1.424   7.231   9.490   1.00 56.64  ? 11  G   A "O4'" 1 
ATOM   220 C  "C3'" . G   A 1 11 ? 0.962   6.628   11.694  1.00 56.22  ? 11  G   A "C3'" 1 
ATOM   221 O  "O3'" . G   A 1 11 ? 0.342   6.994   12.907  1.00 56.16  ? 11  G   A "O3'" 1 
ATOM   222 C  "C2'" . G   A 1 11 ? 0.080   5.773   10.796  1.00 56.03  ? 11  G   A "C2'" 1 
ATOM   223 O  "O2'" . G   A 1 11 ? -1.242  6.290   10.750  1.00 52.31  ? 11  G   A "O2'" 1 
ATOM   224 C  "C1'" . G   A 1 11 ? 0.735   5.996   9.439   1.00 55.46  ? 11  G   A "C1'" 1 
ATOM   225 N  N9    . G   A 1 11 ? 1.689   4.926   9.098   1.00 54.99  ? 11  G   A N9    1 
ATOM   226 C  C8    . G   A 1 11 ? 3.062   5.010   9.001   1.00 54.31  ? 11  G   A C8    1 
ATOM   227 N  N7    . G   A 1 11 ? 3.622   3.874   8.664   1.00 50.76  ? 11  G   A N7    1 
ATOM   228 C  C5    . G   A 1 11 ? 2.550   2.997   8.536   1.00 53.61  ? 11  G   A C5    1 
ATOM   229 C  C6    . G   A 1 11 ? 2.525   1.626   8.194   1.00 53.41  ? 11  G   A C6    1 
ATOM   230 O  O6    . G   A 1 11 ? 3.481   0.900   7.933   1.00 54.19  ? 11  G   A O6    1 
ATOM   231 N  N1    . G   A 1 11 ? 1.230   1.109   8.171   1.00 56.83  ? 11  G   A N1    1 
ATOM   232 C  C2    . G   A 1 11 ? 0.091   1.829   8.455   1.00 57.72  ? 11  G   A C2    1 
ATOM   233 N  N2    . G   A 1 11 ? -1.073  1.156   8.381   1.00 54.11  ? 11  G   A N2    1 
ATOM   234 N  N3    . G   A 1 11 ? 0.101   3.117   8.786   1.00 54.95  ? 11  G   A N3    1 
ATOM   235 C  C4    . G   A 1 11 ? 1.351   3.630   8.796   1.00 54.58  ? 11  G   A C4    1 
ATOM   236 P  P     . C   A 1 12 ? 0.647   6.136   14.220  1.00 61.84  ? 12  C   A P     1 
ATOM   237 O  OP1   . C   A 1 12 ? 0.220   6.943   15.400  1.00 64.04  ? 12  C   A OP1   1 
ATOM   238 O  OP2   . C   A 1 12 ? 2.062   5.712   14.077  1.00 59.02  ? 12  C   A OP2   1 
ATOM   239 O  "O5'" . C   A 1 12 ? -0.261  4.831   14.073  1.00 54.62  ? 12  C   A "O5'" 1 
ATOM   240 C  "C5'" . C   A 1 12 ? -1.663  4.929   13.877  1.00 56.13  ? 12  C   A "C5'" 1 
ATOM   241 C  "C4'" . C   A 1 12 ? -2.277  3.603   13.492  1.00 59.17  ? 12  C   A "C4'" 1 
ATOM   242 O  "O4'" . C   A 1 12 ? -1.775  3.173   12.200  1.00 57.60  ? 12  C   A "O4'" 1 
ATOM   243 C  "C3'" . C   A 1 12 ? -1.967  2.426   14.404  1.00 62.19  ? 12  C   A "C3'" 1 
ATOM   244 O  "O3'" . C   A 1 12 ? -2.727  2.407   15.591  1.00 59.89  ? 12  C   A "O3'" 1 
ATOM   245 C  "C2'" . C   A 1 12 ? -2.195  1.226   13.491  1.00 63.90  ? 12  C   A "C2'" 1 
ATOM   246 O  "O2'" . C   A 1 12 ? -3.579  0.948   13.318  1.00 60.61  ? 12  C   A "O2'" 1 
ATOM   247 C  "C1'" . C   A 1 12 ? -1.653  1.762   12.174  1.00 58.79  ? 12  C   A "C1'" 1 
ATOM   248 N  N1    . C   A 1 12 ? -0.228  1.408   11.983  1.00 59.78  ? 12  C   A N1    1 
ATOM   249 C  C2    . C   A 1 12 ? 0.054   0.116   11.540  1.00 57.79  ? 12  C   A C2    1 
ATOM   250 O  O2    . C   A 1 12 ? -0.897  -0.654  11.349  1.00 59.25  ? 12  C   A O2    1 
ATOM   251 N  N3    . C   A 1 12 ? 1.340   -0.250  11.333  1.00 58.08  ? 12  C   A N3    1 
ATOM   252 C  C4    . C   A 1 12 ? 2.321   0.633   11.564  1.00 59.18  ? 12  C   A C4    1 
ATOM   253 N  N4    . C   A 1 12 ? 3.578   0.234   11.351  1.00 57.26  ? 12  C   A N4    1 
ATOM   254 C  C5    . C   A 1 12 ? 2.062   1.960   12.030  1.00 56.86  ? 12  C   A C5    1 
ATOM   255 C  C6    . C   A 1 12 ? 0.784   2.305   12.228  1.00 56.57  ? 12  C   A C6    1 
ATOM   256 P  P     . C   A 1 13 ? -2.021  1.939   16.948  1.00 74.93  ? 13  C   A P     1 
ATOM   257 O  OP1   . C   A 1 13 ? -2.952  2.263   18.058  1.00 74.58  ? 13  C   A OP1   1 
ATOM   258 O  OP2   . C   A 1 13 ? -0.648  2.501   17.008  1.00 73.29  ? 13  C   A OP2   1 
ATOM   259 O  "O5'" . C   A 1 13 ? -1.886  0.360   16.754  1.00 66.40  ? 13  C   A "O5'" 1 
ATOM   260 C  "C5'" . C   A 1 13 ? -3.042  -0.445  16.578  1.00 60.24  ? 13  C   A "C5'" 1 
ATOM   261 C  "C4'" . C   A 1 13 ? -2.711  -1.901  16.355  1.00 62.92  ? 13  C   A "C4'" 1 
ATOM   262 O  "O4'" . C   A 1 13 ? -2.070  -2.080  15.067  1.00 61.28  ? 13  C   A "O4'" 1 
ATOM   263 C  "C3'" . C   A 1 13 ? -1.735  -2.553  17.326  1.00 64.31  ? 13  C   A "C3'" 1 
ATOM   264 O  "O3'" . C   A 1 13 ? -2.288  -2.858  18.594  1.00 57.49  ? 13  C   A "O3'" 1 
ATOM   265 C  "C2'" . C   A 1 13 ? -1.271  -3.766  16.531  1.00 61.36  ? 13  C   A "C2'" 1 
ATOM   266 O  "O2'" . C   A 1 13 ? -2.285  -4.754  16.476  1.00 62.76  ? 13  C   A "O2'" 1 
ATOM   267 C  "C1'" . C   A 1 13 ? -1.156  -3.164  15.135  1.00 65.13  ? 13  C   A "C1'" 1 
ATOM   268 N  N1    . C   A 1 13 ? 0.218   -2.677  14.881  1.00 61.52  ? 13  C   A N1    1 
ATOM   269 C  C2    . C   A 1 13 ? 1.172   -3.626  14.514  1.00 64.52  ? 13  C   A C2    1 
ATOM   270 O  O2    . C   A 1 13 ? 0.830   -4.819  14.402  1.00 64.35  ? 13  C   A O2    1 
ATOM   271 N  N3    . C   A 1 13 ? 2.442   -3.221  14.290  1.00 64.74  ? 13  C   A N3    1 
ATOM   272 C  C4    . C   A 1 13 ? 2.768   -1.941  14.425  1.00 62.34  ? 13  C   A C4    1 
ATOM   273 N  N4    . C   A 1 13 ? 4.031   -1.593  14.193  1.00 63.41  ? 13  C   A N4    1 
ATOM   274 C  C5    . C   A 1 13 ? 1.815   -0.959  14.805  1.00 63.32  ? 13  C   A C5    1 
ATOM   275 C  C6    . C   A 1 13 ? 0.564   -1.368  15.025  1.00 60.50  ? 13  C   A C6    1 
ATOM   276 P  P     . G   A 1 14 ? -1.451  -2.540  19.928  1.00 67.51  ? 14  G   A P     1 
ATOM   277 O  OP1   . G   A 1 14 ? -2.309  -2.858  21.095  1.00 69.57  ? 14  G   A OP1   1 
ATOM   278 O  OP2   . G   A 1 14 ? -0.822  -1.202  19.838  1.00 70.91  ? 14  G   A OP2   1 
ATOM   279 O  "O5'" . G   A 1 14 ? -0.300  -3.630  19.898  1.00 70.62  ? 14  G   A "O5'" 1 
ATOM   280 C  "C5'" . G   A 1 14 ? -0.650  -5.002  19.901  1.00 69.05  ? 14  G   A "C5'" 1 
ATOM   281 C  "C4'" . G   A 1 14 ? 0.527   -5.889  19.612  1.00 64.50  ? 14  G   A "C4'" 1 
ATOM   282 O  "O4'" . G   A 1 14 ? 0.996   -5.692  18.254  1.00 64.42  ? 14  G   A "O4'" 1 
ATOM   283 C  "C3'" . G   A 1 14 ? 1.771   -5.655  20.439  1.00 62.91  ? 14  G   A "C3'" 1 
ATOM   284 O  "O3'" . G   A 1 14 ? 1.680   -6.120  21.767  1.00 64.16  ? 14  G   A "O3'" 1 
ATOM   285 C  "C2'" . G   A 1 14 ? 2.828   -6.355  19.605  1.00 67.01  ? 14  G   A "C2'" 1 
ATOM   286 O  "O2'" . G   A 1 14 ? 2.715   -7.768  19.719  1.00 62.70  ? 14  G   A "O2'" 1 
ATOM   287 C  "C1'" . G   A 1 14 ? 2.388   -5.943  18.199  1.00 65.97  ? 14  G   A "C1'" 1 
ATOM   288 N  N9    . G   A 1 14 ? 3.094   -4.720  17.798  1.00 62.16  ? 14  G   A N9    1 
ATOM   289 C  C8    . G   A 1 14 ? 2.731   -3.406  17.928  1.00 63.47  ? 14  G   A C8    1 
ATOM   290 N  N7    . G   A 1 14 ? 3.655   -2.597  17.484  1.00 67.51  ? 14  G   A N7    1 
ATOM   291 C  C5    . G   A 1 14 ? 4.688   -3.426  17.062  1.00 69.12  ? 14  G   A C5    1 
ATOM   292 C  C6    . G   A 1 14 ? 5.961   -3.148  16.487  1.00 70.10  ? 14  G   A C6    1 
ATOM   293 O  O6    . G   A 1 14 ? 6.470   -2.053  16.221  1.00 74.81  ? 14  G   A O6    1 
ATOM   294 N  N1    . G   A 1 14 ? 6.676   -4.312  16.219  1.00 68.12  ? 14  G   A N1    1 
ATOM   295 C  C2    . G   A 1 14 ? 6.227   -5.585  16.470  1.00 69.35  ? 14  G   A C2    1 
ATOM   296 N  N2    . G   A 1 14 ? 7.044   -6.598  16.153  1.00 71.66  ? 14  G   A N2    1 
ATOM   297 N  N3    . G   A 1 14 ? 5.052   -5.856  16.997  1.00 69.47  ? 14  G   A N3    1 
ATOM   298 C  C4    . G   A 1 14 ? 4.349   -4.738  17.263  1.00 67.44  ? 14  G   A C4    1 
ATOM   299 P  P     . A   A 1 15 ? 2.132   -5.142  22.952  1.00 66.10  ? 15  A   A P     1 
ATOM   300 O  OP1   . A   A 1 15 ? 1.977   -5.813  24.272  1.00 59.63  ? 15  A   A OP1   1 
ATOM   301 O  OP2   . A   A 1 15 ? 1.397   -3.883  22.681  1.00 72.01  ? 15  A   A OP2   1 
ATOM   302 O  "O5'" . A   A 1 15 ? 3.688   -4.909  22.687  1.00 59.95  ? 15  A   A "O5'" 1 
ATOM   303 C  "C5'" . A   A 1 15 ? 4.530   -4.373  23.703  1.00 59.64  ? 15  A   A "C5'" 1 
ATOM   304 C  "C4'" . A   A 1 15 ? 5.842   -5.109  23.779  1.00 56.91  ? 15  A   A "C4'" 1 
ATOM   305 O  "O4'" . A   A 1 15 ? 5.647   -6.364  24.474  1.00 49.67  ? 15  A   A "O4'" 1 
ATOM   306 C  "C3'" . A   A 1 15 ? 6.453   -5.506  22.438  1.00 60.96  ? 15  A   A "C3'" 1 
ATOM   307 O  "O3'" . A   A 1 15 ? 7.220   -4.463  21.858  1.00 65.41  ? 15  A   A "O3'" 1 
ATOM   308 C  "C2'" . A   A 1 15 ? 7.278   -6.742  22.785  1.00 60.44  ? 15  A   A "C2'" 1 
ATOM   309 O  "O2'" . A   A 1 15 ? 8.521   -6.380  23.355  1.00 62.05  ? 15  A   A "O2'" 1 
ATOM   310 C  "C1'" . A   A 1 15 ? 6.439   -7.374  23.888  1.00 56.77  ? 15  A   A "C1'" 1 
ATOM   311 N  N9    . A   A 1 15 ? 5.553   -8.459  23.412  1.00 58.03  ? 15  A   A N9    1 
ATOM   312 C  C8    . A   A 1 15 ? 4.192   -8.420  23.218  1.00 55.03  ? 15  A   A C8    1 
ATOM   313 N  N7    . A   A 1 15 ? 3.677   -9.560  22.842  1.00 53.91  ? 15  A   A N7    1 
ATOM   314 C  C5    . A   A 1 15 ? 4.771   -10.414 22.785  1.00 57.47  ? 15  A   A C5    1 
ATOM   315 C  C6    . A   A 1 15 ? 4.897   -11.777 22.452  1.00 58.93  ? 15  A   A C6    1 
ATOM   316 N  N6    . A   A 1 15 ? 3.871   -12.555 22.085  1.00 53.89  ? 15  A   A N6    1 
ATOM   317 N  N1    . A   A 1 15 ? 6.139   -12.314 22.505  1.00 58.74  ? 15  A   A N1    1 
ATOM   318 C  C2    . A   A 1 15 ? 7.173   -11.547 22.867  1.00 55.32  ? 15  A   A C2    1 
ATOM   319 N  N3    . A   A 1 15 ? 7.177   -10.262 23.202  1.00 57.61  ? 15  A   A N3    1 
ATOM   320 C  C4    . A   A 1 15 ? 5.932   -9.752  23.143  1.00 56.91  ? 15  A   A C4    1 
ATOM   321 P  P     . A   A 1 16 ? 7.297   -4.284  20.262  1.00 68.24  ? 16  A   A P     1 
ATOM   322 O  OP1   . A   A 1 16 ? 8.105   -3.077  19.938  1.00 65.51  ? 16  A   A OP1   1 
ATOM   323 O  OP2   . A   A 1 16 ? 5.917   -4.410  19.743  1.00 66.33  ? 16  A   A OP2   1 
ATOM   324 O  "O5'" . A   A 1 16 ? 8.119   -5.552  19.764  1.00 69.27  ? 16  A   A "O5'" 1 
ATOM   325 C  "C5'" . A   A 1 16 ? 9.534   -5.615  19.868  1.00 69.04  ? 16  A   A "C5'" 1 
ATOM   326 C  "C4'" . A   A 1 16 ? 10.015  -7.028  19.649  1.00 69.73  ? 16  A   A "C4'" 1 
ATOM   327 O  "O4'" . A   A 1 16 ? 9.210   -7.917  20.456  1.00 66.10  ? 16  A   A "O4'" 1 
ATOM   328 C  "C3'" . A   A 1 16 ? 9.863   -7.562  18.232  1.00 73.37  ? 16  A   A "C3'" 1 
ATOM   329 O  "O3'" . A   A 1 16 ? 10.973  -7.230  17.416  1.00 76.64  ? 16  A   A "O3'" 1 
ATOM   330 C  "C2'" . A   A 1 16 ? 9.698   -9.061  18.435  1.00 71.03  ? 16  A   A "C2'" 1 
ATOM   331 O  "O2'" . A   A 1 16 ? 10.964  -9.671  18.621  1.00 79.24  ? 16  A   A "O2'" 1 
ATOM   332 C  "C1'" . A   A 1 16 ? 8.960   -9.117  19.764  1.00 67.16  ? 16  A   A "C1'" 1 
ATOM   333 N  N9    . A   A 1 16 ? 7.501   -9.284  19.642  1.00 65.03  ? 16  A   A N9    1 
ATOM   334 C  C8    . A   A 1 16 ? 6.530   -8.318  19.714  1.00 65.03  ? 16  A   A C8    1 
ATOM   335 N  N7    . A   A 1 16 ? 5.303   -8.778  19.623  1.00 62.37  ? 16  A   A N7    1 
ATOM   336 C  C5    . A   A 1 16 ? 5.480   -10.145 19.509  1.00 62.28  ? 16  A   A C5    1 
ATOM   337 C  C6    . A   A 1 16 ? 4.564   -11.205 19.376  1.00 61.37  ? 16  A   A C6    1 
ATOM   338 N  N6    . A   A 1 16 ? 3.234   -11.063 19.337  1.00 57.67  ? 16  A   A N6    1 
ATOM   339 N  N1    . A   A 1 16 ? 5.081   -12.448 19.290  1.00 60.80  ? 16  A   A N1    1 
ATOM   340 C  C2    . A   A 1 16 ? 6.415   -12.590 19.324  1.00 61.81  ? 16  A   A C2    1 
ATOM   341 N  N3    . A   A 1 16 ? 7.374   -11.678 19.435  1.00 61.96  ? 16  A   A N3    1 
ATOM   342 C  C4    . A   A 1 16 ? 6.828   -10.465 19.526  1.00 62.30  ? 16  A   A C4    1 
ATOM   343 P  P     . A   A 1 17 ? 10.773  -6.960  15.847  1.00 82.46  ? 17  A   A P     1 
ATOM   344 O  OP1   . A   A 1 17 ? 11.993  -6.284  15.333  1.00 85.70  ? 17  A   A OP1   1 
ATOM   345 O  OP2   . A   A 1 17 ? 9.455   -6.296  15.661  1.00 70.25  ? 17  A   A OP2   1 
ATOM   346 O  "O5'" . A   A 1 17 ? 10.739  -8.425  15.223  1.00 80.46  ? 17  A   A "O5'" 1 
ATOM   347 C  "C5'" . A   A 1 17 ? 11.727  -9.391  15.559  1.00 77.19  ? 17  A   A "C5'" 1 
ATOM   348 C  "C4'" . A   A 1 17 ? 11.283  -10.777 15.163  1.00 81.84  ? 17  A   A "C4'" 1 
ATOM   349 O  "O4'" . A   A 1 17 ? 10.271  -11.257 16.088  1.00 78.75  ? 17  A   A "O4'" 1 
ATOM   350 C  "C3'" . A   A 1 17 ? 10.632  -10.864 13.792  1.00 82.27  ? 17  A   A "C3'" 1 
ATOM   351 O  "O3'" . A   A 1 17 ? 11.594  -10.996 12.757  1.00 85.40  ? 17  A   A "O3'" 1 
ATOM   352 C  "C2'" . A   A 1 17 ? 9.675   -12.048 13.930  1.00 81.30  ? 17  A   A "C2'" 1 
ATOM   353 O  "O2'" . A   A 1 17 ? 10.362  -13.278 13.774  1.00 86.03  ? 17  A   A "O2'" 1 
ATOM   354 C  "C1'" . A   A 1 17 ? 9.243   -11.926 15.391  1.00 75.93  ? 17  A   A "C1'" 1 
ATOM   355 N  N9    . A   A 1 17 ? 8.018   -11.127 15.567  1.00 72.93  ? 17  A   A N9    1 
ATOM   356 C  C8    . A   A 1 17 ? 7.919   -9.755  15.571  1.00 72.76  ? 17  A   A C8    1 
ATOM   357 N  N7    . A   A 1 17 ? 6.712   -9.293  15.785  1.00 69.68  ? 17  A   A N7    1 
ATOM   358 C  C5    . A   A 1 17 ? 5.963   -10.446 15.946  1.00 68.81  ? 17  A   A C5    1 
ATOM   359 C  C6    . A   A 1 17 ? 4.594   -10.630 16.206  1.00 66.51  ? 17  A   A C6    1 
ATOM   360 N  N6    . A   A 1 17 ? 3.720   -9.623  16.349  1.00 62.77  ? 17  A   A N6    1 
ATOM   361 N  N1    . A   A 1 17 ? 4.164   -11.912 16.311  1.00 66.39  ? 17  A   A N1    1 
ATOM   362 C  C2    . A   A 1 17 ? 5.051   -12.917 16.165  1.00 66.79  ? 17  A   A C2    1 
ATOM   363 N  N3    . A   A 1 17 ? 6.366   -12.865 15.925  1.00 67.68  ? 17  A   A N3    1 
ATOM   364 C  C4    . A   A 1 17 ? 6.755   -11.583 15.821  1.00 70.00  ? 17  A   A C4    1 
ATOM   365 P  P     . G   A 1 18 ? 11.335  -10.329 11.316  1.00 94.00  ? 18  G   A P     1 
ATOM   366 O  OP1   . G   A 1 18 ? 12.509  -10.638 10.458  1.00 90.48  ? 18  G   A OP1   1 
ATOM   367 O  OP2   . G   A 1 18 ? 10.961  -8.897  11.488  1.00 82.75  ? 18  G   A OP2   1 
ATOM   368 O  "O5'" . G   A 1 18 ? 10.093  -11.162 10.758  1.00 87.05  ? 18  G   A "O5'" 1 
ATOM   369 C  "C5'" . G   A 1 18 ? 8.999   -10.519 10.128  1.00 81.76  ? 18  G   A "C5'" 1 
ATOM   370 C  "C4'" . G   A 1 18 ? 7.687   -10.921 10.752  1.00 80.64  ? 18  G   A "C4'" 1 
ATOM   371 O  "O4'" . G   A 1 18 ? 7.628   -10.421 12.115  1.00 83.20  ? 18  G   A "O4'" 1 
ATOM   372 C  "C3'" . G   A 1 18 ? 6.456   -10.329 10.090  1.00 81.27  ? 18  G   A "C3'" 1 
ATOM   373 O  "O3'" . G   A 1 18 ? 6.046   -11.032 8.935   1.00 80.77  ? 18  G   A "O3'" 1 
ATOM   374 C  "C2'" . G   A 1 18 ? 5.441   -10.317 11.224  1.00 78.83  ? 18  G   A "C2'" 1 
ATOM   375 O  "O2'" . G   A 1 18 ? 4.947   -11.628 11.470  1.00 79.79  ? 18  G   A "O2'" 1 
ATOM   376 C  "C1'" . G   A 1 18 ? 6.332   -9.923  12.392  1.00 75.78  ? 18  G   A "C1'" 1 
ATOM   377 N  N9    . G   A 1 18 ? 6.434   -8.455  12.543  1.00 71.29  ? 18  G   A N9    1 
ATOM   378 C  C8    . G   A 1 18 ? 7.571   -7.710  12.333  1.00 72.27  ? 18  G   A C8    1 
ATOM   379 N  N7    . G   A 1 18 ? 7.408   -6.437  12.551  1.00 71.14  ? 18  G   A N7    1 
ATOM   380 C  C5    . G   A 1 18 ? 6.076   -6.326  12.930  1.00 69.94  ? 18  G   A C5    1 
ATOM   381 C  C6    . G   A 1 18 ? 5.321   -5.178  13.288  1.00 69.42  ? 18  G   A C6    1 
ATOM   382 O  O6    . G   A 1 18 ? 5.687   -3.998  13.337  1.00 70.52  ? 18  G   A O6    1 
ATOM   383 N  N1    . G   A 1 18 ? 4.011   -5.497  13.614  1.00 66.31  ? 18  G   A N1    1 
ATOM   384 C  C2    . G   A 1 18 ? 3.485   -6.756  13.594  1.00 64.59  ? 18  G   A C2    1 
ATOM   385 N  N2    . G   A 1 18 ? 2.195   -6.835  13.937  1.00 60.34  ? 18  G   A N2    1 
ATOM   386 N  N3    . G   A 1 18 ? 4.170   -7.841  13.259  1.00 69.78  ? 18  G   A N3    1 
ATOM   387 C  C4    . G   A 1 18 ? 5.457   -7.559  12.939  1.00 70.70  ? 18  G   A C4    1 
ATOM   388 P  P     . G   A 1 19 ? 5.831   -10.217 7.569   1.00 91.97  ? 19  G   A P     1 
ATOM   389 O  OP1   . G   A 1 19 ? 5.852   -11.182 6.441   1.00 88.48  ? 19  G   A OP1   1 
ATOM   390 O  OP2   . G   A 1 19 ? 6.771   -9.055  7.575   1.00 82.87  ? 19  G   A OP2   1 
ATOM   391 O  "O5'" . G   A 1 19 ? 4.339   -9.679  7.702   1.00 82.88  ? 19  G   A "O5'" 1 
ATOM   392 C  "C5'" . G   A 1 19 ? 3.299   -10.563 8.085   1.00 74.43  ? 19  G   A "C5'" 1 
ATOM   393 C  "C4'" . G   A 1 19 ? 2.170   -9.842  8.773   1.00 70.46  ? 19  G   A "C4'" 1 
ATOM   394 O  "O4'" . G   A 1 19 ? 2.643   -9.153  9.962   1.00 74.73  ? 19  G   A "O4'" 1 
ATOM   395 C  "C3'" . G   A 1 19 ? 1.481   -8.738  7.997   1.00 70.16  ? 19  G   A "C3'" 1 
ATOM   396 O  "O3'" . G   A 1 19 ? 0.623   -9.202  6.967   1.00 76.86  ? 19  G   A "O3'" 1 
ATOM   397 C  "C2'" . G   A 1 19 ? 0.759   -8.000  9.108   1.00 69.40  ? 19  G   A "C2'" 1 
ATOM   398 O  "O2'" . G   A 1 19 ? -0.338  -8.777  9.570   1.00 66.26  ? 19  G   A "O2'" 1 
ATOM   399 C  "C1'" . G   A 1 19 ? 1.830   -8.016  10.198  1.00 68.45  ? 19  G   A "C1'" 1 
ATOM   400 N  N9    . G   A 1 19 ? 2.662   -6.796  10.163  1.00 64.48  ? 19  G   A N9    1 
ATOM   401 C  C8    . G   A 1 19 ? 3.977   -6.683  9.778   1.00 69.98  ? 19  G   A C8    1 
ATOM   402 N  N7    . G   A 1 19 ? 4.436   -5.460  9.847   1.00 65.12  ? 19  G   A N7    1 
ATOM   403 C  C5    . G   A 1 19 ? 3.354   -4.720  10.297  1.00 62.37  ? 19  G   A C5    1 
ATOM   404 C  C6    . G   A 1 19 ? 3.242   -3.334  10.565  1.00 62.86  ? 19  G   A C6    1 
ATOM   405 O  O6    . G   A 1 19 ? 4.107   -2.458  10.462  1.00 65.84  ? 19  G   A O6    1 
ATOM   406 N  N1    . G   A 1 19 ? 1.973   -2.989  11.001  1.00 60.72  ? 19  G   A N1    1 
ATOM   407 C  C2    . G   A 1 19 ? 0.941   -3.866  11.170  1.00 60.83  ? 19  G   A C2    1 
ATOM   408 N  N2    . G   A 1 19 ? -0.207  -3.337  11.610  1.00 59.12  ? 19  G   A N2    1 
ATOM   409 N  N3    . G   A 1 19 ? 1.030   -5.160  10.921  1.00 62.96  ? 19  G   A N3    1 
ATOM   410 C  C4    . G   A 1 19 ? 2.256   -5.522  10.496  1.00 61.35  ? 19  G   A C4    1 
ATOM   411 P  P     . C   A 1 20 ? 0.485   -8.359  5.607   1.00 72.23  ? 20  C   A P     1 
ATOM   412 O  OP1   . C   A 1 20 ? -0.135  -9.232  4.585   1.00 85.92  ? 20  C   A OP1   1 
ATOM   413 O  OP2   . C   A 1 20 ? 1.808   -7.742  5.310   1.00 71.12  ? 20  C   A OP2   1 
ATOM   414 O  "O5'" . C   A 1 20 ? -0.543  -7.195  5.973   1.00 69.18  ? 20  C   A "O5'" 1 
ATOM   415 C  "C5'" . C   A 1 20 ? -1.751  -7.472  6.668   1.00 65.67  ? 20  C   A "C5'" 1 
ATOM   416 C  "C4'" . C   A 1 20 ? -2.342  -6.227  7.292   1.00 64.62  ? 20  C   A "C4'" 1 
ATOM   417 O  "O4'" . C   A 1 20 ? -1.433  -5.673  8.280   1.00 66.96  ? 20  C   A "O4'" 1 
ATOM   418 C  "C3'" . C   A 1 20 ? -2.595  -5.065  6.351   1.00 64.76  ? 20  C   A "C3'" 1 
ATOM   419 O  "O3'" . C   A 1 20 ? -3.770  -5.217  5.580   1.00 69.24  ? 20  C   A "O3'" 1 
ATOM   420 C  "C2'" . C   A 1 20 ? -2.642  -3.884  7.305   1.00 62.66  ? 20  C   A "C2'" 1 
ATOM   421 O  "O2'" . C   A 1 20 ? -3.873  -3.867  8.004   1.00 61.20  ? 20  C   A "O2'" 1 
ATOM   422 C  "C1'" . C   A 1 20 ? -1.546  -4.263  8.295   1.00 62.88  ? 20  C   A "C1'" 1 
ATOM   423 N  N1    . C   A 1 20 ? -0.237  -3.672  7.933   1.00 59.00  ? 20  C   A N1    1 
ATOM   424 C  C2    . C   A 1 20 ? -0.013  -2.303  8.125   1.00 58.10  ? 20  C   A C2    1 
ATOM   425 O  O2    . C   A 1 20 ? -0.921  -1.604  8.586   1.00 59.34  ? 20  C   A O2    1 
ATOM   426 N  N3    . C   A 1 20 ? 1.181   -1.758  7.803   1.00 55.68  ? 20  C   A N3    1 
ATOM   427 C  C4    . C   A 1 20 ? 2.138   -2.538  7.310   1.00 57.41  ? 20  C   A C4    1 
ATOM   428 N  N4    . C   A 1 20 ? 3.313   -1.988  7.002   1.00 56.22  ? 20  C   A N4    1 
ATOM   429 C  C5    . C   A 1 20 ? 1.938   -3.934  7.110   1.00 60.34  ? 20  C   A C5    1 
ATOM   430 C  C6    . C   A 1 20 ? 0.752   -4.460  7.430   1.00 59.82  ? 20  C   A C6    1 
ATOM   431 P  P     . C   A 1 21 ? -3.755  -4.824  4.026   1.00 69.56  ? 21  C   A P     1 
ATOM   432 O  OP1   . C   A 1 21 ? -5.061  -5.192  3.422   1.00 66.55  ? 21  C   A OP1   1 
ATOM   433 O  OP2   . C   A 1 21 ? -2.493  -5.347  3.434   1.00 65.89  ? 21  C   A OP2   1 
ATOM   434 O  "O5'" . C   A 1 21 ? -3.700  -3.234  4.061   1.00 67.07  ? 21  C   A "O5'" 1 
ATOM   435 C  "C5'" . C   A 1 21 ? -4.674  -2.492  4.782   1.00 61.80  ? 21  C   A "C5'" 1 
ATOM   436 C  "C4'" . C   A 1 21 ? -4.313  -1.029  4.829   1.00 65.16  ? 21  C   A "C4'" 1 
ATOM   437 O  "O4'" . C   A 1 21 ? -3.185  -0.841  5.732   1.00 57.87  ? 21  C   A "O4'" 1 
ATOM   438 C  "C3'" . C   A 1 21 ? -3.845  -0.411  3.509   1.00 63.56  ? 21  C   A "C3'" 1 
ATOM   439 O  "O3'" . C   A 1 21 ? -4.910  -0.012  2.659   1.00 61.55  ? 21  C   A "O3'" 1 
ATOM   440 C  "C2'" . C   A 1 21 ? -2.988  0.750   3.981   1.00 60.88  ? 21  C   A "C2'" 1 
ATOM   441 O  "O2'" . C   A 1 21 ? -3.813  1.820   4.418   1.00 63.88  ? 21  C   A "O2'" 1 
ATOM   442 C  "C1'" . C   A 1 21 ? -2.313  0.139   5.212   1.00 59.40  ? 21  C   A "C1'" 1 
ATOM   443 N  N1    . C   A 1 21 ? -1.018  -0.499  4.867   1.00 53.73  ? 21  C   A N1    1 
ATOM   444 C  C2    . C   A 1 21 ? 0.100   0.333   4.784   1.00 57.46  ? 21  C   A C2    1 
ATOM   445 O  O2    . C   A 1 21 ? -0.047  1.548   5.015   1.00 60.36  ? 21  C   A O2    1 
ATOM   446 N  N3    . C   A 1 21 ? 1.305   -0.191  4.464   1.00 50.95  ? 21  C   A N3    1 
ATOM   447 C  C4    . C   A 1 21 ? 1.416   -1.487  4.224   1.00 52.23  ? 21  C   A C4    1 
ATOM   448 N  N4    . C   A 1 21 ? 2.626   -1.947  3.917   1.00 51.52  ? 21  C   A N4    1 
ATOM   449 C  C5    . C   A 1 21 ? 0.296   -2.363  4.286   1.00 56.68  ? 21  C   A C5    1 
ATOM   450 C  C6    . C   A 1 21 ? -0.891  -1.832  4.606   1.00 54.93  ? 21  C   A C6    1 
ATOM   451 P  P     . C   A 1 22 ? -4.952  -0.462  1.112   1.00 69.16  ? 22  C   A P     1 
ATOM   452 O  OP1   . C   A 1 22 ? -6.240  0.008   0.546   1.00 68.05  ? 22  C   A OP1   1 
ATOM   453 O  OP2   . C   A 1 22 ? -4.572  -1.891  0.984   1.00 72.29  ? 22  C   A OP2   1 
ATOM   454 O  "O5'" . C   A 1 22 ? -3.784  0.377   0.434   1.00 68.20  ? 22  C   A "O5'" 1 
ATOM   455 C  "C5'" . C   A 1 22 ? -3.773  1.793   0.517   1.00 61.31  ? 22  C   A "C5'" 1 
ATOM   456 C  "C4'" . C   A 1 22 ? -3.331  2.408   -0.781  1.00 56.97  ? 22  C   A "C4'" 1 
ATOM   457 O  "O4'" . C   A 1 22 ? -1.900  2.214   -0.943  1.00 52.88  ? 22  C   A "O4'" 1 
ATOM   458 C  "C3'" . C   A 1 22 ? -3.985  1.839   -2.045  1.00 54.72  ? 22  C   A "C3'" 1 
ATOM   459 O  "O3'" . C   A 1 22 ? -4.179  2.900   -2.971  1.00 62.77  ? 22  C   A "O3'" 1 
ATOM   460 C  "C2'" . C   A 1 22 ? -2.898  0.925   -2.599  1.00 58.89  ? 22  C   A "C2'" 1 
ATOM   461 O  "O2'" . C   A 1 22 ? -2.988  0.674   -3.992  1.00 46.55  ? 22  C   A "O2'" 1 
ATOM   462 C  "C1'" . C   A 1 22 ? -1.650  1.720   -2.234  1.00 54.25  ? 22  C   A "C1'" 1 
ATOM   463 N  N1    . C   A 1 22 ? -0.383  0.968   -2.269  1.00 54.24  ? 22  C   A N1    1 
ATOM   464 C  C2    . C   A 1 22 ? 0.762   1.666   -2.674  1.00 50.66  ? 22  C   A C2    1 
ATOM   465 O  O2    . C   A 1 22 ? 0.674   2.874   -2.913  1.00 51.55  ? 22  C   A O2    1 
ATOM   466 N  N3    . C   A 1 22 ? 1.943   1.026   -2.757  1.00 49.80  ? 22  C   A N3    1 
ATOM   467 C  C4    . C   A 1 22 ? 2.005   -0.277  -2.463  1.00 50.89  ? 22  C   A C4    1 
ATOM   468 N  N4    . C   A 1 22 ? 3.193   -0.881  -2.570  1.00 48.14  ? 22  C   A N4    1 
ATOM   469 C  C5    . C   A 1 22 ? 0.858   -1.022  -2.067  1.00 43.09  ? 22  C   A C5    1 
ATOM   470 C  C6    . C   A 1 22 ? -0.306  -0.367  -1.995  1.00 48.88  ? 22  C   A C6    1 
ATOM   471 P  P     . U   A 1 23 ? -5.562  3.066   -3.770  1.00 63.69  ? 23  U   A P     1 
ATOM   472 O  OP1   . U   A 1 23 ? -6.692  2.935   -2.807  1.00 59.40  ? 23  U   A OP1   1 
ATOM   473 O  OP2   . U   A 1 23 ? -5.428  2.256   -5.022  1.00 54.23  ? 23  U   A OP2   1 
ATOM   474 O  "O5'" . U   A 1 23 ? -5.569  4.598   -4.176  1.00 58.50  ? 23  U   A "O5'" 1 
ATOM   475 C  "C5'" . U   A 1 23 ? -4.959  5.569   -3.340  1.00 63.48  ? 23  U   A "C5'" 1 
ATOM   476 C  "C4'" . U   A 1 23 ? -4.293  6.644   -4.158  1.00 64.46  ? 23  U   A "C4'" 1 
ATOM   477 O  "O4'" . U   A 1 23 ? -2.893  6.314   -4.351  1.00 55.89  ? 23  U   A "O4'" 1 
ATOM   478 C  "C3'" . U   A 1 23 ? -4.894  6.859   -5.545  1.00 67.55  ? 23  U   A "C3'" 1 
ATOM   479 O  "O3'" . U   A 1 23 ? -5.009  8.257   -5.816  1.00 69.97  ? 23  U   A "O3'" 1 
ATOM   480 C  "C2'" . U   A 1 23 ? -3.897  6.167   -6.478  1.00 58.45  ? 23  U   A "C2'" 1 
ATOM   481 O  "O2'" . U   A 1 23 ? -3.831  6.709   -7.774  1.00 60.37  ? 23  U   A "O2'" 1 
ATOM   482 C  "C1'" . U   A 1 23 ? -2.573  6.329   -5.726  1.00 55.71  ? 23  U   A "C1'" 1 
ATOM   483 N  N1    . U   A 1 23 ? -1.619  5.231   -5.966  1.00 51.99  ? 23  U   A N1    1 
ATOM   484 C  C2    . U   A 1 23 ? -0.389  5.535   -6.508  1.00 49.69  ? 23  U   A C2    1 
ATOM   485 O  O2    . U   A 1 23 ? -0.067  6.670   -6.785  1.00 52.62  ? 23  U   A O2    1 
ATOM   486 N  N3    . U   A 1 23 ? 0.452   4.463   -6.705  1.00 51.26  ? 23  U   A N3    1 
ATOM   487 C  C4    . U   A 1 23 ? 0.198   3.129   -6.418  1.00 50.39  ? 23  U   A C4    1 
ATOM   488 O  O4    . U   A 1 23 ? 1.059   2.269   -6.653  1.00 45.33  ? 23  U   A O4    1 
ATOM   489 C  C5    . U   A 1 23 ? -1.103  2.895   -5.855  1.00 49.73  ? 23  U   A C5    1 
ATOM   490 C  C6    . U   A 1 23 ? -1.938  3.924   -5.654  1.00 52.34  ? 23  U   A C6    1 
ATOM   491 P  P     . U   A 1 24 ? -6.467  8.943   -5.722  1.00 85.14  ? 24  U   A P     1 
ATOM   492 O  OP1   . U   A 1 24 ? -7.489  7.920   -5.375  1.00 78.75  ? 24  U   A OP1   1 
ATOM   493 O  OP2   . U   A 1 24 ? -6.584  9.739   -6.973  1.00 89.70  ? 24  U   A OP2   1 
ATOM   494 O  "O5'" . U   A 1 24 ? -6.434  9.920   -4.461  1.00 76.58  ? 24  U   A "O5'" 1 
ATOM   495 C  "C5'" . U   A 1 24 ? -5.877  9.502   -3.220  1.00 81.53  ? 24  U   A "C5'" 1 
ATOM   496 C  "C4'" . U   A 1 24 ? -6.792  9.754   -2.045  1.00 83.39  ? 24  U   A "C4'" 1 
ATOM   497 O  "O4'" . U   A 1 24 ? -8.047  10.320  -2.511  1.00 88.99  ? 24  U   A "O4'" 1 
ATOM   498 C  "C3'" . U   A 1 24 ? -7.160  8.507   -1.233  1.00 83.42  ? 24  U   A "C3'" 1 
ATOM   499 O  "O3'" . U   A 1 24 ? -7.262  8.835   0.152   1.00 82.16  ? 24  U   A "O3'" 1 
ATOM   500 C  "C2'" . U   A 1 24 ? -8.543  8.155   -1.766  1.00 90.08  ? 24  U   A "C2'" 1 
ATOM   501 O  "O2'" . U   A 1 24 ? -9.338  7.402   -0.876  1.00 92.21  ? 24  U   A "O2'" 1 
ATOM   502 C  "C1'" . U   A 1 24 ? -9.124  9.542   -2.023  1.00 93.19  ? 24  U   A "C1'" 1 
ATOM   503 N  N1    . U   A 1 24 ? -10.206 9.566   -3.017  1.00 96.18  ? 24  U   A N1    1 
ATOM   504 C  C2    . U   A 1 24 ? -11.502 9.704   -2.553  1.00 94.75  ? 24  U   A C2    1 
ATOM   505 O  O2    . U   A 1 24 ? -11.787 9.799   -1.369  1.00 85.98  ? 24  U   A O2    1 
ATOM   506 N  N3    . U   A 1 24 ? -12.453 9.718   -3.543  1.00 99.89  ? 24  U   A N3    1 
ATOM   507 C  C4    . U   A 1 24 ? -12.241 9.613   -4.905  1.00 99.23  ? 24  U   A C4    1 
ATOM   508 O  O4    . U   A 1 24 ? -13.205 9.641   -5.667  1.00 103.23 ? 24  U   A O4    1 
ATOM   509 C  C5    . U   A 1 24 ? -10.874 9.478   -5.301  1.00 95.34  ? 24  U   A C5    1 
ATOM   510 C  C6    . U   A 1 24 ? -9.926  9.461   -4.361  1.00 95.10  ? 24  U   A C6    1 
ATOM   511 P  P     . G   A 1 25 ? -6.714  7.796   1.247   1.00 87.72  ? 25  G   A P     1 
ATOM   512 O  OP1   . G   A 1 25 ? -6.116  6.706   0.430   1.00 77.78  ? 25  G   A OP1   1 
ATOM   513 O  OP2   . G   A 1 25 ? -7.777  7.497   2.245   1.00 82.64  ? 25  G   A OP2   1 
ATOM   514 O  "O5'" . G   A 1 25 ? -5.571  8.597   2.016   1.00 71.32  ? 25  G   A "O5'" 1 
ATOM   515 C  "C5'" . G   A 1 25 ? -5.812  9.904   2.510   1.00 65.90  ? 25  G   A "C5'" 1 
ATOM   516 C  "C4'" . G   A 1 25 ? -4.533  10.611  2.885   1.00 66.84  ? 25  G   A "C4'" 1 
ATOM   517 O  "O4'" . G   A 1 25 ? -3.844  9.873   3.941   1.00 63.41  ? 25  G   A "O4'" 1 
ATOM   518 C  "C3'" . G   A 1 25 ? -3.480  10.748  1.792   1.00 63.44  ? 25  G   A "C3'" 1 
ATOM   519 O  "O3'" . G   A 1 25 ? -3.749  11.767  0.834   1.00 63.25  ? 25  G   A "O3'" 1 
ATOM   520 C  "C2'" . G   A 1 25 ? -2.209  10.962  2.608   1.00 63.91  ? 25  G   A "C2'" 1 
ATOM   521 O  "O2'" . G   A 1 25 ? -2.161  12.275  3.141   1.00 68.79  ? 25  G   A "O2'" 1 
ATOM   522 C  "C1'" . G   A 1 25 ? -2.441  9.982   3.764   1.00 62.60  ? 25  G   A "C1'" 1 
ATOM   523 N  N9    . G   A 1 25 ? -1.911  8.663   3.384   1.00 58.95  ? 25  G   A N9    1 
ATOM   524 C  C8    . G   A 1 25 ? -2.637  7.540   3.065   1.00 59.84  ? 25  G   A C8    1 
ATOM   525 N  N7    . G   A 1 25 ? -1.889  6.535   2.699   1.00 59.20  ? 25  G   A N7    1 
ATOM   526 C  C5    . G   A 1 25 ? -0.594  7.039   2.755   1.00 55.81  ? 25  G   A C5    1 
ATOM   527 C  C6    . G   A 1 25 ? 0.634   6.401   2.454   1.00 54.22  ? 25  G   A C6    1 
ATOM   528 O  O6    . G   A 1 25 ? 0.813   5.231   2.079   1.00 53.46  ? 25  G   A O6    1 
ATOM   529 N  N1    . G   A 1 25 ? 1.708   7.274   2.639   1.00 51.93  ? 25  G   A N1    1 
ATOM   530 C  C2    . G   A 1 25 ? 1.609   8.580   3.051   1.00 48.19  ? 25  G   A C2    1 
ATOM   531 N  N2    . G   A 1 25 ? 2.768   9.237   3.168   1.00 46.81  ? 25  G   A N2    1 
ATOM   532 N  N3    . G   A 1 25 ? 0.471   9.187   3.329   1.00 45.10  ? 25  G   A N3    1 
ATOM   533 C  C4    . G   A 1 25 ? -0.584  8.358   3.164   1.00 53.16  ? 25  G   A C4    1 
ATOM   534 P  P     . G   A 1 26 ? -3.538  11.487  -0.746  1.00 71.53  ? 26  G   A P     1 
ATOM   535 O  OP1   . G   A 1 26 ? -4.397  12.397  -1.534  1.00 75.66  ? 26  G   A OP1   1 
ATOM   536 O  OP2   . G   A 1 26 ? -3.670  10.037  -0.998  1.00 70.17  ? 26  G   A OP2   1 
ATOM   537 O  "O5'" . G   A 1 26 ? -2.022  11.894  -1.021  1.00 59.80  ? 26  G   A "O5'" 1 
ATOM   538 C  "C5'" . G   A 1 26 ? -1.429  12.970  -0.314  1.00 59.91  ? 26  G   A "C5'" 1 
ATOM   539 C  "C4'" . G   A 1 26 ? 0.076   12.871  -0.285  1.00 58.80  ? 26  G   A "C4'" 1 
ATOM   540 O  "O4'" . G   A 1 26 ? 0.516   11.816  0.622   1.00 58.64  ? 26  G   A "O4'" 1 
ATOM   541 C  "C3'" . G   A 1 26 ? 0.748   12.514  -1.592  1.00 53.82  ? 26  G   A "C3'" 1 
ATOM   542 O  "O3'" . G   A 1 26 ? 0.787   13.588  -2.521  1.00 54.31  ? 26  G   A "O3'" 1 
ATOM   543 C  "C2'" . G   A 1 26 ? 2.114   12.011  -1.126  1.00 52.74  ? 26  G   A "C2'" 1 
ATOM   544 O  "O2'" . G   A 1 26 ? 2.977   13.083  -0.784  1.00 54.82  ? 26  G   A "O2'" 1 
ATOM   545 C  "C1'" . G   A 1 26 ? 1.736   11.268  0.160   1.00 48.65  ? 26  G   A "C1'" 1 
ATOM   546 N  N9    . G   A 1 26 ? 1.555   9.833   -0.114  1.00 50.14  ? 26  G   A N9    1 
ATOM   547 C  C8    . G   A 1 26 ? 0.378   9.128   -0.170  1.00 50.45  ? 26  G   A C8    1 
ATOM   548 N  N7    . G   A 1 26 ? 0.566   7.875   -0.485  1.00 51.09  ? 26  G   A N7    1 
ATOM   549 C  C5    . G   A 1 26 ? 1.942   7.756   -0.656  1.00 46.85  ? 26  G   A C5    1 
ATOM   550 C  C6    . G   A 1 26 ? 2.739   6.638   -1.003  1.00 47.49  ? 26  G   A C6    1 
ATOM   551 O  O6    . G   A 1 26 ? 2.400   5.480   -1.243  1.00 50.30  ? 26  G   A O6    1 
ATOM   552 N  N1    . G   A 1 26 ? 4.084   6.946   -1.067  1.00 50.08  ? 26  G   A N1    1 
ATOM   553 C  C2    . G   A 1 26 ? 4.609   8.185   -0.840  1.00 46.21  ? 26  G   A C2    1 
ATOM   554 N  N2    . G   A 1 26 ? 5.938   8.254   -0.965  1.00 42.48  ? 26  G   A N2    1 
ATOM   555 N  N3    . G   A 1 26 ? 3.886   9.243   -0.516  1.00 44.95  ? 26  G   A N3    1 
ATOM   556 C  C4    . G   A 1 26 ? 2.566   8.957   -0.443  1.00 47.68  ? 26  G   A C4    1 
ATOM   557 P  P     . C   A 1 27 ? 0.305   13.342  -4.034  1.00 53.46  ? 27  C   A P     1 
ATOM   558 O  OP1   . C   A 1 27 ? 0.433   14.609  -4.789  1.00 65.74  ? 27  C   A OP1   1 
ATOM   559 O  OP2   . C   A 1 27 ? -1.018  12.674  -4.022  1.00 65.94  ? 27  C   A OP2   1 
ATOM   560 O  "O5'" . C   A 1 27 ? 1.392   12.348  -4.624  1.00 49.32  ? 27  C   A "O5'" 1 
ATOM   561 C  "C5'" . C   A 1 27 ? 2.701   12.821  -4.861  1.00 53.79  ? 27  C   A "C5'" 1 
ATOM   562 C  "C4'" . C   A 1 27 ? 3.645   11.727  -5.278  1.00 52.84  ? 27  C   A "C4'" 1 
ATOM   563 O  "O4'" . C   A 1 27 ? 3.760   10.734  -4.233  1.00 48.44  ? 27  C   A "O4'" 1 
ATOM   564 C  "C3'" . C   A 1 27 ? 3.254   10.923  -6.501  1.00 53.46  ? 27  C   A "C3'" 1 
ATOM   565 O  "O3'" . C   A 1 27 ? 3.551   11.598  -7.709  1.00 60.88  ? 27  C   A "O3'" 1 
ATOM   566 C  "C2'" . C   A 1 27 ? 4.065   9.651   -6.321  1.00 54.10  ? 27  C   A "C2'" 1 
ATOM   567 O  "O2'" . C   A 1 27 ? 5.412   9.846   -6.734  1.00 55.62  ? 27  C   A "O2'" 1 
ATOM   568 C  "C1'" . C   A 1 27 ? 4.021   9.475   -4.800  1.00 47.18  ? 27  C   A "C1'" 1 
ATOM   569 N  N1    . C   A 1 27 ? 2.933   8.562   -4.403  1.00 48.11  ? 27  C   A N1    1 
ATOM   570 C  C2    . C   A 1 27 ? 3.157   7.200   -4.521  1.00 45.55  ? 27  C   A C2    1 
ATOM   571 O  O2    . C   A 1 27 ? 4.278   6.852   -4.921  1.00 40.54  ? 27  C   A O2    1 
ATOM   572 N  N3    . C   A 1 27 ? 2.157   6.347   -4.183  1.00 46.46  ? 27  C   A N3    1 
ATOM   573 C  C4    . C   A 1 27 ? 0.983   6.828   -3.744  1.00 49.85  ? 27  C   A C4    1 
ATOM   574 N  N4    . C   A 1 27 ? 0.015   5.978   -3.386  1.00 49.49  ? 27  C   A N4    1 
ATOM   575 C  C5    . C   A 1 27 ? 0.738   8.226   -3.630  1.00 51.07  ? 27  C   A C5    1 
ATOM   576 C  C6    . C   A 1 27 ? 1.738   9.047   -3.963  1.00 50.81  ? 27  C   A C6    1 
ATOM   577 P  P     . A   A 1 28 ? 2.410   11.813  -8.812  1.00 54.39  ? 28  A   A P     1 
ATOM   578 O  OP1   . A   A 1 28 ? 3.067   12.506  -9.948  1.00 56.61  ? 28  A   A OP1   1 
ATOM   579 O  OP2   . A   A 1 28 ? 1.209   12.390  -8.132  1.00 55.37  ? 28  A   A OP2   1 
ATOM   580 O  "O5'" . A   A 1 28 ? 2.058   10.336  -9.275  1.00 54.17  ? 28  A   A "O5'" 1 
ATOM   581 C  "C5'" . A   A 1 28 ? 2.458   9.860   -10.547 1.00 53.75  ? 28  A   A "C5'" 1 
ATOM   582 C  "C4'" . A   A 1 28 ? 3.853   9.304   -10.523 1.00 51.87  ? 28  A   A "C4'" 1 
ATOM   583 O  "O4'" . A   A 1 28 ? 4.159   8.756   -9.218  1.00 56.50  ? 28  A   A "O4'" 1 
ATOM   584 C  "C3'" . A   A 1 28 ? 4.090   8.154   -11.470 1.00 53.18  ? 28  A   A "C3'" 1 
ATOM   585 O  "O3'" . A   A 1 28 ? 4.318   8.612   -12.786 1.00 61.99  ? 28  A   A "O3'" 1 
ATOM   586 C  "C2'" . A   A 1 28 ? 5.289   7.445   -10.849 1.00 54.25  ? 28  A   A "C2'" 1 
ATOM   587 O  "O2'" . A   A 1 28 ? 6.494   8.094   -11.198 1.00 58.99  ? 28  A   A "O2'" 1 
ATOM   588 C  "C1'" . A   A 1 28 ? 5.042   7.660   -9.354  1.00 55.27  ? 28  A   A "C1'" 1 
ATOM   589 N  N9    . A   A 1 28 ? 4.450   6.468   -8.717  1.00 49.91  ? 28  A   A N9    1 
ATOM   590 C  C8    . A   A 1 28 ? 3.243   6.367   -8.077  1.00 48.52  ? 28  A   A C8    1 
ATOM   591 N  N7    . A   A 1 28 ? 2.992   5.163   -7.634  1.00 48.85  ? 28  A   A N7    1 
ATOM   592 C  C5    . A   A 1 28 ? 4.108   4.425   -8.000  1.00 48.10  ? 28  A   A C5    1 
ATOM   593 C  C6    . A   A 1 28 ? 4.455   3.074   -7.813  1.00 50.03  ? 28  A   A C6    1 
ATOM   594 N  N6    . A   A 1 28 ? 3.672   2.202   -7.175  1.00 48.47  ? 28  A   A N6    1 
ATOM   595 N  N1    . A   A 1 28 ? 5.642   2.643   -8.301  1.00 50.99  ? 28  A   A N1    1 
ATOM   596 C  C2    . A   A 1 28 ? 6.419   3.527   -8.935  1.00 51.89  ? 28  A   A C2    1 
ATOM   597 N  N3    . A   A 1 28 ? 6.198   4.821   -9.173  1.00 51.57  ? 28  A   A N3    1 
ATOM   598 C  C4    . A   A 1 28 ? 5.014   5.214   -8.670  1.00 47.58  ? 28  A   A C4    1 
ATOM   599 P  P     . G   A 1 29 ? 3.410   8.099   -14.014 1.00 65.97  ? 29  G   A P     1 
ATOM   600 O  OP1   . G   A 1 29 ? 3.795   8.941   -15.188 1.00 64.59  ? 29  G   A OP1   1 
ATOM   601 O  OP2   . G   A 1 29 ? 1.968   8.052   -13.621 1.00 50.65  ? 29  G   A OP2   1 
ATOM   602 O  "O5'" . G   A 1 29 ? 3.985   6.645   -14.295 1.00 53.00  ? 29  G   A "O5'" 1 
ATOM   603 C  "C5'" . G   A 1 29 ? 5.329   6.501   -14.713 1.00 56.76  ? 29  G   A "C5'" 1 
ATOM   604 C  "C4'" . G   A 1 29 ? 5.900   5.163   -14.335 1.00 61.53  ? 29  G   A "C4'" 1 
ATOM   605 O  "O4'" . G   A 1 29 ? 5.941   5.032   -12.886 1.00 62.84  ? 29  G   A "O4'" 1 
ATOM   606 C  "C3'" . G   A 1 29 ? 5.115   3.939   -14.773 1.00 62.81  ? 29  G   A "C3'" 1 
ATOM   607 O  "O3'" . G   A 1 29 ? 5.262   3.605   -16.144 1.00 65.64  ? 29  G   A "O3'" 1 
ATOM   608 C  "C2'" . G   A 1 29 ? 5.647   2.885   -13.820 1.00 61.18  ? 29  G   A "C2'" 1 
ATOM   609 O  "O2'" . G   A 1 29 ? 6.979   2.530   -14.175 1.00 65.03  ? 29  G   A "O2'" 1 
ATOM   610 C  "C1'" . G   A 1 29 ? 5.693   3.691   -12.523 1.00 57.15  ? 29  G   A "C1'" 1 
ATOM   611 N  N9    . G   A 1 29 ? 4.387   3.642   -11.843 1.00 54.79  ? 29  G   A N9    1 
ATOM   612 C  C8    . G   A 1 29 ? 3.503   4.674   -11.641 1.00 52.97  ? 29  G   A C8    1 
ATOM   613 N  N7    . G   A 1 29 ? 2.422   4.291   -11.019 1.00 51.62  ? 29  G   A N7    1 
ATOM   614 C  C5    . G   A 1 29 ? 2.604   2.932   -10.807 1.00 48.08  ? 29  G   A C5    1 
ATOM   615 C  C6    . G   A 1 29 ? 1.765   1.973   -10.187 1.00 49.77  ? 29  G   A C6    1 
ATOM   616 O  O6    . G   A 1 29 ? 0.649   2.159   -9.678  1.00 49.53  ? 29  G   A O6    1 
ATOM   617 N  N1    . G   A 1 29 ? 2.343   0.704   -10.193 1.00 45.73  ? 29  G   A N1    1 
ATOM   618 C  C2    . G   A 1 29 ? 3.572   0.405   -10.732 1.00 47.74  ? 29  G   A C2    1 
ATOM   619 N  N2    . G   A 1 29 ? 3.983   -0.866  -10.661 1.00 50.06  ? 29  G   A N2    1 
ATOM   620 N  N3    . G   A 1 29 ? 4.356   1.289   -11.308 1.00 49.09  ? 29  G   A N3    1 
ATOM   621 C  C4    . G   A 1 29 ? 3.811   2.518   -11.311 1.00 49.49  ? 29  G   A C4    1 
ATOM   622 P  P     . C   A 1 30 ? 3.966   3.145   -16.990 1.00 76.51  ? 30  C   A P     1 
ATOM   623 O  OP1   . C   A 1 30 ? 4.459   2.925   -18.376 1.00 77.95  ? 30  C   A OP1   1 
ATOM   624 O  OP2   . C   A 1 30 ? 2.798   4.023   -16.678 1.00 59.47  ? 30  C   A OP2   1 
ATOM   625 O  "O5'" . C   A 1 30 ? 3.572   1.720   -16.392 1.00 68.68  ? 30  C   A "O5'" 1 
ATOM   626 C  "C5'" . C   A 1 30 ? 4.471   0.630   -16.492 1.00 64.04  ? 30  C   A "C5'" 1 
ATOM   627 C  "C4'" . C   A 1 30 ? 3.940   -0.610  -15.818 1.00 61.19  ? 30  C   A "C4'" 1 
ATOM   628 O  "O4'" . C   A 1 30 ? 3.566   -0.342  -14.445 1.00 57.79  ? 30  C   A "O4'" 1 
ATOM   629 C  "C3'" . C   A 1 30 ? 2.688   -1.226  -16.397 1.00 55.24  ? 30  C   A "C3'" 1 
ATOM   630 O  "O3'" . C   A 1 30 ? 2.930   -1.931  -17.594 1.00 62.20  ? 30  C   A "O3'" 1 
ATOM   631 C  "C2'" . C   A 1 30 ? 2.225   -2.124  -15.260 1.00 56.30  ? 30  C   A "C2'" 1 
ATOM   632 O  "O2'" . C   A 1 30 ? 3.009   -3.303  -15.214 1.00 57.23  ? 30  C   A "O2'" 1 
ATOM   633 C  "C1'" . C   A 1 30 ? 2.590   -1.276  -14.040 1.00 51.27  ? 30  C   A "C1'" 1 
ATOM   634 N  N1    . C   A 1 30 ? 1.437   -0.560  -13.468 1.00 43.96  ? 30  C   A N1    1 
ATOM   635 C  C2    . C   A 1 30 ? 0.521   -1.309  -12.732 1.00 47.05  ? 30  C   A C2    1 
ATOM   636 O  O2    . C   A 1 30 ? 0.706   -2.531  -12.622 1.00 49.83  ? 30  C   A O2    1 
ATOM   637 N  N3    . C   A 1 30 ? -0.541  -0.699  -12.160 1.00 42.88  ? 30  C   A N3    1 
ATOM   638 C  C4    . C   A 1 30 ? -0.676  0.614   -12.311 1.00 42.83  ? 30  C   A C4    1 
ATOM   639 N  N4    . C   A 1 30 ? -1.737  1.188   -11.733 1.00 42.65  ? 30  C   A N4    1 
ATOM   640 C  C5    . C   A 1 30 ? 0.253   1.399   -13.061 1.00 41.58  ? 30  C   A C5    1 
ATOM   641 C  C6    . C   A 1 30 ? 1.296   0.780   -13.613 1.00 43.77  ? 30  C   A C6    1 
ATOM   642 P  P     . G   A 1 31 ? 1.725   -2.186  -18.614 1.00 56.78  ? 31  G   A P     1 
ATOM   643 O  OP1   . G   A 1 31 ? 2.338   -2.581  -19.911 1.00 58.23  ? 31  G   A OP1   1 
ATOM   644 O  OP2   . G   A 1 31 ? 0.779   -1.041  -18.518 1.00 50.52  ? 31  G   A OP2   1 
ATOM   645 O  "O5'" . G   A 1 31 ? 0.981   -3.445  -17.994 1.00 58.72  ? 31  G   A "O5'" 1 
ATOM   646 C  "C5'" . G   A 1 31 ? 1.567   -4.733  -18.040 1.00 58.52  ? 31  G   A "C5'" 1 
ATOM   647 C  "C4'" . G   A 1 31 ? 0.673   -5.746  -17.374 1.00 55.31  ? 31  G   A "C4'" 1 
ATOM   648 O  "O4'" . G   A 1 31 ? 0.481   -5.372  -15.992 1.00 51.25  ? 31  G   A "O4'" 1 
ATOM   649 C  "C3'" . G   A 1 31 ? -0.739  -5.832  -17.924 1.00 53.90  ? 31  G   A "C3'" 1 
ATOM   650 O  "O3'" . G   A 1 31 ? -0.834  -6.631  -19.080 1.00 61.17  ? 31  G   A "O3'" 1 
ATOM   651 C  "C2'" . G   A 1 31 ? -1.515  -6.390  -16.751 1.00 53.03  ? 31  G   A "C2'" 1 
ATOM   652 O  "O2'" . G   A 1 31 ? -1.253  -7.776  -16.622 1.00 59.41  ? 31  G   A "O2'" 1 
ATOM   653 C  "C1'" . G   A 1 31 ? -0.840  -5.670  -15.593 1.00 51.94  ? 31  G   A "C1'" 1 
ATOM   654 N  N9    . G   A 1 31 ? -1.502  -4.399  -15.256 1.00 45.36  ? 31  G   A N9    1 
ATOM   655 C  C8    . G   A 1 31 ? -1.009  -3.154  -15.560 1.00 44.92  ? 31  G   A C8    1 
ATOM   656 N  N7    . G   A 1 31 ? -1.779  -2.197  -15.126 1.00 43.46  ? 31  G   A N7    1 
ATOM   657 C  C5    . G   A 1 31 ? -2.840  -2.850  -14.508 1.00 37.64  ? 31  G   A C5    1 
ATOM   658 C  C6    . G   A 1 31 ? -3.983  -2.320  -13.848 1.00 42.06  ? 31  G   A C6    1 
ATOM   659 O  O6    . G   A 1 31 ? -4.294  -1.129  -13.681 1.00 40.26  ? 31  G   A O6    1 
ATOM   660 N  N1    . G   A 1 31 ? -4.815  -3.326  -13.351 1.00 43.94  ? 31  G   A N1    1 
ATOM   661 C  C2    . G   A 1 31 ? -4.562  -4.669  -13.476 1.00 43.54  ? 31  G   A C2    1 
ATOM   662 N  N2    . G   A 1 31 ? -5.485  -5.476  -12.943 1.00 38.86  ? 31  G   A N2    1 
ATOM   663 N  N3    . G   A 1 31 ? -3.491  -5.173  -14.087 1.00 42.78  ? 31  G   A N3    1 
ATOM   664 C  C4    . G   A 1 31 ? -2.681  -4.213  -14.575 1.00 39.14  ? 31  G   A C4    1 
ATOM   665 P  P     . C   A 1 32 ? -1.787  -6.155  -20.274 1.00 65.33  ? 32  C   A P     1 
ATOM   666 O  OP1   . C   A 1 32 ? -1.430  -6.910  -21.505 1.00 61.08  ? 32  C   A OP1   1 
ATOM   667 O  OP2   . C   A 1 32 ? -1.766  -4.674  -20.249 1.00 60.34  ? 32  C   A OP2   1 
ATOM   668 O  "O5'" . C   A 1 32 ? -3.237  -6.606  -19.803 1.00 57.84  ? 32  C   A "O5'" 1 
ATOM   669 C  "C5'" . C   A 1 32 ? -3.465  -7.919  -19.326 1.00 54.10  ? 32  C   A "C5'" 1 
ATOM   670 C  "C4'" . C   A 1 32 ? -4.800  -8.012  -18.643 1.00 50.80  ? 32  C   A "C4'" 1 
ATOM   671 O  "O4'" . C   A 1 32 ? -4.766  -7.296  -17.381 1.00 48.99  ? 32  C   A "O4'" 1 
ATOM   672 C  "C3'" . C   A 1 32 ? -5.963  -7.373  -19.376 1.00 51.58  ? 32  C   A "C3'" 1 
ATOM   673 O  "O3'" . C   A 1 32 ? -6.455  -8.154  -20.453 1.00 55.18  ? 32  C   A "O3'" 1 
ATOM   674 C  "C2'" . C   A 1 32 ? -6.968  -7.173  -18.255 1.00 51.17  ? 32  C   A "C2'" 1 
ATOM   675 O  "O2'" . C   A 1 32 ? -7.581  -8.411  -17.944 1.00 54.77  ? 32  C   A "O2'" 1 
ATOM   676 C  "C1'" . C   A 1 32 ? -6.049  -6.778  -17.095 1.00 44.29  ? 32  C   A "C1'" 1 
ATOM   677 N  N1    . C   A 1 32 ? -5.951  -5.310  -16.940 1.00 38.77  ? 32  C   A N1    1 
ATOM   678 C  C2    . C   A 1 32 ? -6.941  -4.626  -16.215 1.00 47.40  ? 32  C   A C2    1 
ATOM   679 O  O2    . C   A 1 32 ? -7.884  -5.260  -15.692 1.00 46.74  ? 32  C   A O2    1 
ATOM   680 N  N3    . C   A 1 32 ? -6.856  -3.274  -16.083 1.00 43.98  ? 32  C   A N3    1 
ATOM   681 C  C4    . C   A 1 32 ? -5.842  -2.610  -16.634 1.00 40.54  ? 32  C   A C4    1 
ATOM   682 N  N4    . C   A 1 32 ? -5.811  -1.284  -16.466 1.00 38.37  ? 32  C   A N4    1 
ATOM   683 C  C5    . C   A 1 32 ? -4.826  -3.280  -17.377 1.00 37.94  ? 32  C   A C5    1 
ATOM   684 C  C6    . C   A 1 32 ? -4.926  -4.609  -17.500 1.00 41.76  ? 32  C   A C6    1 
ATOM   685 P  P     . C   A 1 33 ? -6.841  -7.451  -21.852 1.00 57.49  ? 33  C   A P     1 
ATOM   686 O  OP1   . C   A 1 33 ? -7.140  -8.521  -22.836 1.00 55.82  ? 33  C   A OP1   1 
ATOM   687 O  OP2   . C   A 1 33 ? -5.780  -6.470  -22.211 1.00 61.89  ? 33  C   A OP2   1 
ATOM   688 O  "O5'" . C   A 1 33 ? -8.178  -6.653  -21.510 1.00 49.52  ? 33  C   A "O5'" 1 
ATOM   689 C  "C5'" . C   A 1 33 ? -9.337  -7.356  -21.101 1.00 51.11  ? 33  C   A "C5'" 1 
ATOM   690 C  "C4'" . C   A 1 33 ? -10.334 -6.473  -20.391 1.00 52.38  ? 33  C   A "C4'" 1 
ATOM   691 O  "O4'" . C   A 1 33 ? -9.702  -5.710  -19.333 1.00 47.47  ? 33  C   A "O4'" 1 
ATOM   692 C  "C3'" . C   A 1 33 ? -11.038 -5.417  -21.222 1.00 50.31  ? 33  C   A "C3'" 1 
ATOM   693 O  "O3'" . C   A 1 33 ? -12.068 -5.959  -22.024 1.00 56.44  ? 33  C   A "O3'" 1 
ATOM   694 C  "C2'" . C   A 1 33 ? -11.554 -4.447  -20.160 1.00 52.37  ? 33  C   A "C2'" 1 
ATOM   695 O  "O2'" . C   A 1 33 ? -12.787 -4.896  -19.612 1.00 52.42  ? 33  C   A "O2'" 1 
ATOM   696 C  "C1'" . C   A 1 33 ? -10.469 -4.552  -19.074 1.00 45.78  ? 33  C   A "C1'" 1 
ATOM   697 N  N1    . C   A 1 33 ? -9.592  -3.367  -19.023 1.00 41.51  ? 33  C   A N1    1 
ATOM   698 C  C2    . C   A 1 33 ? -10.118 -2.225  -18.432 1.00 44.06  ? 33  C   A C2    1 
ATOM   699 O  O2    . C   A 1 33 ? -11.276 -2.262  -17.994 1.00 45.00  ? 33  C   A O2    1 
ATOM   700 N  N3    . C   A 1 33 ? -9.368  -1.105  -18.352 1.00 42.99  ? 33  C   A N3    1 
ATOM   701 C  C4    . C   A 1 33 ? -8.131  -1.121  -18.840 1.00 42.25  ? 33  C   A C4    1 
ATOM   702 N  N4    . C   A 1 33 ? -7.426  0.008   -18.733 1.00 43.21  ? 33  C   A N4    1 
ATOM   703 C  C5    . C   A 1 33 ? -7.565  -2.275  -19.453 1.00 39.43  ? 33  C   A C5    1 
ATOM   704 C  C6    . C   A 1 33 ? -8.325  -3.374  -19.522 1.00 45.28  ? 33  C   A C6    1 
HETATM 705 CO CO    . NCO B 2 .  ? -13.263 -0.628  -3.251  0.69 87.11  3 101 NCO A CO    1 
HETATM 706 N  N1    . NCO B 2 .  ? -13.519 0.891   -4.501  0.69 60.80  ? 101 NCO A N1    1 
HETATM 707 N  N2    . NCO B 2 .  ? -13.005 -2.158  -2.015  0.69 63.45  ? 101 NCO A N2    1 
HETATM 708 N  N3    . NCO B 2 .  ? -12.907 -1.792  -4.821  0.69 54.31  ? 101 NCO A N3    1 
HETATM 709 N  N4    . NCO B 2 .  ? -15.198 -1.061  -3.341  0.69 60.90  ? 101 NCO A N4    1 
HETATM 710 N  N5    . NCO B 2 .  ? -13.602 0.562   -1.706  0.69 65.73  ? 101 NCO A N5    1 
HETATM 711 N  N6    . NCO B 2 .  ? -11.332 -0.206  -3.147  0.69 67.58  ? 101 NCO A N6    1 
HETATM 712 CO CO    . NCO C 2 .  ? -7.299  -4.579  -0.839  0.90 96.84  3 102 NCO A CO    1 
HETATM 713 N  N1    . NCO C 2 .  ? -8.817  -3.299  -0.861  0.90 69.47  ? 102 NCO A N1    1 
HETATM 714 N  N2    . NCO C 2 .  ? -5.772  -5.847  -0.835  0.90 62.64  ? 102 NCO A N2    1 
HETATM 715 N  N3    . NCO C 2 .  ? -7.756  -5.227  -2.659  0.90 62.17  ? 102 NCO A N3    1 
HETATM 716 N  N4    . NCO C 2 .  ? -8.476  -5.967  -0.050  0.90 65.92  ? 102 NCO A N4    1 
HETATM 717 N  N5    . NCO C 2 .  ? -6.864  -3.950  0.990   0.90 60.16  ? 102 NCO A N5    1 
HETATM 718 N  N6    . NCO C 2 .  ? -6.119  -3.182  -1.618  0.90 72.23  ? 102 NCO A N6    1 
HETATM 719 CO CO    . NCO D 2 .  ? -2.922  11.739  -7.707  0.86 95.44  3 103 NCO A CO    1 
HETATM 720 N  N1    . NCO D 2 .  ? -4.160  13.225  -8.138  0.86 90.97  ? 103 NCO A N1    1 
HETATM 721 N  N2    . NCO D 2 .  ? -1.670  10.253  -7.280  0.86 68.34  ? 103 NCO A N2    1 
HETATM 722 N  N3    . NCO D 2 .  ? -2.242  11.767  -9.573  0.86 65.04  ? 103 NCO A N3    1 
HETATM 723 N  N4    . NCO D 2 .  ? -4.292  10.418  -8.263  0.86 82.01  ? 103 NCO A N4    1 
HETATM 724 N  N5    . NCO D 2 .  ? -3.636  11.710  -5.857  0.86 68.14  ? 103 NCO A N5    1 
HETATM 725 N  N6    . NCO D 2 .  ? -1.568  13.073  -7.146  0.86 71.80  ? 103 NCO A N6    1 
HETATM 726 CO CO    . NCO E 2 .  ? 5.139   1.128   18.978  0.83 108.02 3 104 NCO A CO    1 
HETATM 727 N  N1    . NCO E 2 .  ? 3.289   0.805   18.339  0.83 85.48  ? 104 NCO A N1    1 
HETATM 728 N  N2    . NCO E 2 .  ? 6.984   1.435   19.636  0.83 87.25  ? 104 NCO A N2    1 
HETATM 729 N  N3    . NCO E 2 .  ? 5.728   -0.588  18.179  0.83 74.51  ? 104 NCO A N3    1 
HETATM 730 N  N4    . NCO E 2 .  ? 4.706   0.187   20.667  0.83 93.74  ? 104 NCO A N4    1 
HETATM 731 N  N5    . NCO E 2 .  ? 4.549   2.838   19.792  0.83 86.00  ? 104 NCO A N5    1 
HETATM 732 N  N6    . NCO E 2 .  ? 5.572   2.061   17.283  0.83 87.86  ? 104 NCO A N6    1 
HETATM 733 CO CO    . NCO F 2 .  ? 9.428   -3.778  11.893  0.74 100.79 3 105 NCO A CO    1 
HETATM 734 N  N1    . NCO F 2 .  ? 8.807   -1.941  11.488  0.74 84.34  ? 105 NCO A N1    1 
HETATM 735 N  N2    . NCO F 2 .  ? 10.040  -5.619  12.301  0.74 81.95  ? 105 NCO A N2    1 
HETATM 736 N  N3    . NCO F 2 .  ? 10.795  -3.638  10.466  0.74 89.24  ? 105 NCO A N3    1 
HETATM 737 N  N4    . NCO F 2 .  ? 10.710  -3.056  13.227  0.74 79.57  ? 105 NCO A N4    1 
HETATM 738 N  N5    . NCO F 2 .  ? 8.063   -3.929  13.317  0.74 74.27  ? 105 NCO A N5    1 
HETATM 739 N  N6    . NCO F 2 .  ? 8.160   -4.492  10.549  0.74 81.02  ? 105 NCO A N6    1 
HETATM 740 CO CO    . NCO G 2 .  ? -12.159 6.813   1.872   0.79 120.26 3 106 NCO A CO    1 
HETATM 741 N  N1    . NCO G 2 .  ? -13.871 7.104   0.914   0.79 95.13  ? 106 NCO A N1    1 
HETATM 742 N  N2    . NCO G 2 .  ? -10.444 6.533   2.825   0.79 101.18 ? 106 NCO A N2    1 
HETATM 743 N  N3    . NCO G 2 .  ? -11.521 5.667   0.383   0.79 94.84  ? 106 NCO A N3    1 
HETATM 744 N  N4    . NCO G 2 .  ? -12.922 5.211   2.756   0.79 96.18  ? 106 NCO A N4    1 
HETATM 745 N  N5    . NCO G 2 .  ? -12.777 7.956   3.371   0.79 93.66  ? 106 NCO A N5    1 
HETATM 746 N  N6    . NCO G 2 .  ? -11.389 8.414   0.992   0.79 101.03 ? 106 NCO A N6    1 
HETATM 747 K  K     . K   H 3 .  ? -0.095  4.172   -0.107  1.00 67.47  ? 107 K   A K     1 
HETATM 748 O  O     . HOH I 4 .  ? -14.944 -7.089  -21.423 1.00 60.38  ? 201 HOH A O     1 
# 
